data_1T3E
#
_entry.id   1T3E
#
_cell.length_a   161.547
_cell.length_b   161.547
_cell.length_c   126.252
_cell.angle_alpha   90.00
_cell.angle_beta   90.00
_cell.angle_gamma   120.00
#
_symmetry.space_group_name_H-M   'P 61'
#
loop_
_entity.id
_entity.type
_entity.pdbx_description
1 polymer Gephyrin
2 polymer '49-mer fragment of Glycine receptor beta chain'
3 non-polymer 'SULFATE ION'
#
loop_
_entity_poly.entity_id
_entity_poly.type
_entity_poly.pdbx_seq_one_letter_code
_entity_poly.pdbx_strand_id
1 'polypeptide(L)'
;HRMSPFPLTSMDKAFITVLEMTPVLGTEIINYRDGMGRVLAQDVYAKDNLPPFPASVKDGYAVRAADGPGDRFIIGESQA
GEQPTQTVMPGQVMRVTTGAPIPCGADAVVQVEDTELIRESDDGTEELEVRILVQARPGQDIRPIGHDIKRGECVLAKGT
HMGPSEIGLLATVGVTEVEVNKFPVVAVMSTGNELLNPEDDLLPGKIRDSNRSTLLATIQEHGYPTINLGIVGDNPDDLL
NALNEGISRADVIITSGGVSMGEKDYLKQVLDIDLHAQIHFGRVFMKPGLPTTFATLDIDGVRKIIFALPGNPVSAVVTC
NLFVVPALRKMQGILDPRPTIIKARLSCDVKLDPRPEYHRCILTWHHQEPLPWAQSTGNQMSSRLMSMRSANGLLMLPPK
TEQYVELHKGEVVDVMVIGRL
;
A,B
2 'polypeptide(L)' GNAAKKNTVNGTGTPVHISTLQVGETRCKKVCTSKSDLRSNDFSIVGSL P
#
# COMPACT_ATOMS: atom_id res chain seq x y z
N MET A 3 -40.13 13.36 -14.71
CA MET A 3 -39.44 12.58 -13.63
C MET A 3 -38.42 13.42 -12.88
N SER A 4 -37.16 13.01 -12.94
CA SER A 4 -36.06 13.72 -12.30
C SER A 4 -35.54 14.90 -13.12
N PRO A 5 -34.67 15.71 -12.52
CA PRO A 5 -34.09 16.87 -13.21
C PRO A 5 -33.11 16.44 -14.29
N PHE A 6 -32.47 15.30 -14.04
CA PHE A 6 -31.36 14.79 -14.82
C PHE A 6 -31.62 13.39 -15.40
N PRO A 7 -31.08 13.14 -16.59
CA PRO A 7 -31.18 11.82 -17.22
C PRO A 7 -30.37 10.77 -16.47
N LEU A 8 -30.91 9.55 -16.40
CA LEU A 8 -30.25 8.42 -15.75
C LEU A 8 -29.08 7.91 -16.59
N THR A 9 -27.87 8.09 -16.08
CA THR A 9 -26.66 7.75 -16.81
C THR A 9 -26.25 6.30 -16.61
N SER A 10 -25.84 5.67 -17.71
CA SER A 10 -25.34 4.29 -17.71
C SER A 10 -24.15 4.20 -16.77
N MET A 11 -24.05 3.08 -16.05
CA MET A 11 -22.94 2.82 -15.13
C MET A 11 -21.59 3.00 -15.82
N ASP A 12 -21.40 2.27 -16.91
CA ASP A 12 -20.21 2.38 -17.75
C ASP A 12 -19.99 3.81 -18.24
N LYS A 13 -21.04 4.41 -18.81
CA LYS A 13 -20.94 5.77 -19.37
C LYS A 13 -20.54 6.79 -18.31
N ALA A 14 -21.09 6.64 -17.11
CA ALA A 14 -20.72 7.50 -15.98
C ALA A 14 -19.23 7.42 -15.69
N PHE A 15 -18.73 6.19 -15.55
CA PHE A 15 -17.31 5.97 -15.33
C PHE A 15 -16.50 6.58 -16.45
N ILE A 16 -16.75 6.11 -17.66
CA ILE A 16 -16.04 6.55 -18.87
C ILE A 16 -16.00 8.07 -18.99
N THR A 17 -17.05 8.71 -18.47
CA THR A 17 -17.14 10.17 -18.45
C THR A 17 -16.12 10.74 -17.50
N VAL A 18 -16.11 10.22 -16.27
CA VAL A 18 -15.28 10.76 -15.21
C VAL A 18 -13.84 10.74 -15.65
N LEU A 19 -13.42 9.64 -16.25
CA LEU A 19 -12.05 9.53 -16.76
C LEU A 19 -11.80 10.55 -17.84
N GLU A 20 -12.62 10.52 -18.90
CA GLU A 20 -12.43 11.39 -20.05
C GLU A 20 -12.41 12.86 -19.68
N MET A 21 -13.27 13.24 -18.74
CA MET A 21 -13.37 14.63 -18.30
C MET A 21 -12.19 15.08 -17.44
N THR A 22 -11.63 14.16 -16.66
CA THR A 22 -10.53 14.46 -15.76
C THR A 22 -9.27 14.86 -16.49
N PRO A 23 -8.59 15.88 -15.97
CA PRO A 23 -7.32 16.35 -16.55
C PRO A 23 -6.19 15.35 -16.35
N VAL A 24 -4.96 15.85 -16.53
CA VAL A 24 -3.75 15.24 -16.01
C VAL A 24 -2.94 16.41 -15.49
N LEU A 25 -2.51 16.35 -14.25
CA LEU A 25 -1.81 17.47 -13.63
C LEU A 25 -0.46 17.71 -14.25
N GLY A 26 0.10 18.88 -13.93
CA GLY A 26 1.42 19.26 -14.41
C GLY A 26 2.52 18.50 -13.73
N THR A 27 3.76 18.78 -14.14
CA THR A 27 4.91 18.14 -13.54
C THR A 27 5.52 19.03 -12.48
N GLU A 28 6.59 18.53 -11.88
CA GLU A 28 7.08 19.03 -10.62
C GLU A 28 8.40 18.32 -10.44
N ILE A 29 9.36 18.96 -9.79
CA ILE A 29 10.60 18.25 -9.48
C ILE A 29 10.63 17.89 -7.99
N ILE A 30 10.89 16.62 -7.70
CA ILE A 30 10.89 16.13 -6.32
C ILE A 30 12.12 15.30 -6.03
N ASN A 31 12.55 15.34 -4.78
CA ASN A 31 13.65 14.54 -4.29
C ASN A 31 13.27 13.07 -4.31
N TYR A 32 14.11 12.25 -4.95
CA TYR A 32 13.80 10.83 -5.14
C TYR A 32 13.25 10.10 -3.91
N ARG A 33 13.64 10.58 -2.72
CA ARG A 33 13.16 10.01 -1.48
C ARG A 33 11.65 10.24 -1.32
N ASP A 34 11.15 11.33 -1.87
CA ASP A 34 9.73 11.57 -1.87
C ASP A 34 9.04 10.91 -3.05
N GLY A 35 9.76 10.06 -3.78
CA GLY A 35 9.28 9.45 -5.01
C GLY A 35 8.12 8.46 -4.88
N MET A 36 8.01 7.84 -3.71
CA MET A 36 7.03 6.77 -3.47
C MET A 36 5.63 7.03 -4.02
N GLY A 37 5.19 6.13 -4.89
CA GLY A 37 3.84 6.13 -5.42
C GLY A 37 3.56 7.16 -6.50
N ARG A 38 4.63 7.72 -7.07
CA ARG A 38 4.54 8.76 -8.06
C ARG A 38 4.84 8.26 -9.49
N VAL A 39 4.52 9.08 -10.49
CA VAL A 39 4.75 8.70 -11.90
C VAL A 39 5.80 9.60 -12.53
N LEU A 40 6.80 8.97 -13.18
CA LEU A 40 7.90 9.71 -13.78
C LEU A 40 7.44 10.51 -14.98
N ALA A 41 7.70 11.81 -14.94
CA ALA A 41 7.44 12.67 -16.09
C ALA A 41 8.74 12.92 -16.86
N GLN A 42 9.68 12.00 -16.71
CA GLN A 42 10.92 12.07 -17.45
C GLN A 42 11.43 10.65 -17.64
N ASP A 43 12.29 10.46 -18.64
CA ASP A 43 13.01 9.21 -18.73
C ASP A 43 14.23 9.39 -17.84
N VAL A 44 14.81 8.28 -17.38
CA VAL A 44 15.96 8.35 -16.51
C VAL A 44 17.03 7.45 -17.07
N TYR A 45 18.21 8.03 -17.26
CA TYR A 45 19.36 7.32 -17.82
C TYR A 45 20.46 7.29 -16.80
N ALA A 46 21.24 6.23 -16.80
CA ALA A 46 22.38 6.13 -15.91
C ALA A 46 23.48 7.14 -16.27
N LYS A 47 23.96 7.86 -15.27
CA LYS A 47 25.01 8.84 -15.49
C LYS A 47 26.37 8.14 -15.57
N ASP A 48 26.54 7.07 -14.80
CA ASP A 48 27.76 6.27 -14.89
C ASP A 48 27.46 4.77 -14.85
N ASN A 49 28.50 3.96 -15.01
CA ASN A 49 28.36 2.51 -15.11
C ASN A 49 28.28 1.84 -13.76
N LEU A 50 27.42 0.84 -13.64
CA LEU A 50 27.43 0.01 -12.45
C LEU A 50 27.79 -1.44 -12.80
N PRO A 51 28.92 -1.94 -12.29
CA PRO A 51 29.83 -1.21 -11.40
C PRO A 51 30.60 -0.16 -12.14
N PRO A 52 31.16 0.82 -11.44
CA PRO A 52 32.05 1.82 -12.04
C PRO A 52 33.43 1.28 -12.37
N PHE A 53 33.76 0.12 -11.84
CA PHE A 53 35.12 -0.42 -11.89
C PHE A 53 35.07 -1.92 -12.04
N PRO A 54 36.05 -2.47 -12.75
CA PRO A 54 36.25 -3.92 -12.72
C PRO A 54 36.31 -4.34 -11.27
N ALA A 55 35.28 -5.03 -10.79
CA ALA A 55 35.27 -5.52 -9.41
C ALA A 55 35.75 -6.95 -9.34
N SER A 56 36.39 -7.33 -8.23
CA SER A 56 36.61 -8.75 -7.97
C SER A 56 35.29 -9.39 -7.60
N VAL A 57 35.20 -10.68 -7.85
CA VAL A 57 33.99 -11.42 -7.56
C VAL A 57 34.31 -12.50 -6.55
N LYS A 58 35.58 -12.94 -6.55
CA LYS A 58 36.07 -13.96 -5.62
C LYS A 58 37.21 -13.37 -4.81
N ASP A 59 37.51 -13.97 -3.66
CA ASP A 59 38.65 -13.52 -2.90
C ASP A 59 39.87 -14.24 -3.43
N GLY A 60 40.92 -13.48 -3.77
CA GLY A 60 42.13 -14.02 -4.36
C GLY A 60 43.10 -12.95 -4.82
N TYR A 61 43.75 -13.17 -5.95
CA TYR A 61 44.73 -12.23 -6.45
C TYR A 61 44.47 -11.79 -7.89
N ALA A 62 44.50 -10.47 -8.10
CA ALA A 62 44.39 -9.88 -9.43
C ALA A 62 45.63 -10.24 -10.20
N VAL A 63 45.47 -10.49 -11.50
CA VAL A 63 46.56 -11.07 -12.27
C VAL A 63 46.45 -10.82 -13.76
N ARG A 64 47.57 -10.44 -14.39
CA ARG A 64 47.67 -10.48 -15.85
C ARG A 64 47.80 -11.94 -16.29
N ALA A 65 46.66 -12.54 -16.60
CA ALA A 65 46.56 -13.94 -16.99
C ALA A 65 47.63 -14.37 -17.99
N ALA A 66 47.95 -13.47 -18.92
CA ALA A 66 48.99 -13.73 -19.92
C ALA A 66 50.24 -14.35 -19.29
N ASP A 67 50.60 -13.86 -18.12
CA ASP A 67 51.80 -14.29 -17.41
C ASP A 67 51.80 -15.75 -16.97
N GLY A 68 50.61 -16.35 -16.85
CA GLY A 68 50.44 -17.75 -16.47
C GLY A 68 51.02 -18.13 -15.12
N PRO A 69 50.80 -19.36 -14.67
CA PRO A 69 51.18 -19.75 -13.30
C PRO A 69 52.67 -19.55 -13.05
N GLY A 70 53.01 -18.87 -11.95
CA GLY A 70 54.39 -18.55 -11.62
C GLY A 70 54.64 -18.05 -10.20
N ASP A 71 55.84 -17.55 -9.95
CA ASP A 71 56.19 -16.93 -8.66
C ASP A 71 56.09 -15.43 -8.79
N ARG A 72 55.09 -14.88 -8.12
CA ARG A 72 54.70 -13.50 -8.35
C ARG A 72 54.86 -12.65 -7.10
N PHE A 73 55.37 -11.44 -7.29
CA PHE A 73 55.56 -10.53 -6.16
C PHE A 73 54.27 -9.75 -5.91
N ILE A 74 53.72 -9.82 -4.70
CA ILE A 74 52.49 -9.12 -4.40
C ILE A 74 52.73 -7.64 -4.17
N ILE A 75 52.43 -6.84 -5.18
CA ILE A 75 52.48 -5.38 -5.13
C ILE A 75 51.81 -4.74 -3.91
N GLY A 76 50.55 -5.14 -3.67
CA GLY A 76 49.74 -4.54 -2.62
C GLY A 76 48.36 -5.16 -2.55
N GLU A 77 47.59 -4.79 -1.52
CA GLU A 77 46.23 -5.28 -1.38
C GLU A 77 45.29 -4.29 -2.02
N SER A 78 44.18 -4.78 -2.55
CA SER A 78 43.10 -3.94 -3.01
C SER A 78 41.86 -4.33 -2.23
N GLN A 79 41.28 -3.37 -1.52
CA GLN A 79 40.08 -3.60 -0.70
C GLN A 79 38.95 -2.65 -1.06
N ALA A 80 37.73 -3.21 -1.09
CA ALA A 80 36.59 -2.61 -1.77
C ALA A 80 36.24 -1.16 -1.43
N GLY A 81 36.66 -0.69 -0.27
CA GLY A 81 36.36 0.67 0.16
C GLY A 81 36.88 1.73 -0.80
N GLU A 82 38.19 1.76 -0.98
CA GLU A 82 38.82 2.78 -1.80
C GLU A 82 39.34 2.18 -3.12
N GLN A 83 39.70 3.04 -4.06
CA GLN A 83 40.04 2.69 -5.45
C GLN A 83 41.30 1.82 -5.61
N PRO A 84 41.79 1.63 -6.84
CA PRO A 84 43.14 1.08 -7.04
C PRO A 84 44.22 2.17 -6.90
N THR A 85 45.48 1.86 -7.17
CA THR A 85 46.55 2.88 -7.21
C THR A 85 47.69 2.50 -8.15
N GLN A 86 48.29 1.32 -7.91
CA GLN A 86 49.51 0.87 -8.57
C GLN A 86 49.20 0.03 -9.79
N THR A 87 49.90 0.28 -10.88
CA THR A 87 49.69 -0.47 -12.11
C THR A 87 50.53 -1.76 -12.13
N VAL A 88 49.91 -2.83 -12.62
CA VAL A 88 50.52 -4.17 -12.59
C VAL A 88 51.16 -4.55 -13.92
N MET A 89 52.48 -4.65 -13.89
CA MET A 89 53.27 -5.09 -15.03
C MET A 89 53.60 -6.57 -14.85
N PRO A 90 54.19 -7.19 -15.86
CA PRO A 90 54.63 -8.58 -15.79
C PRO A 90 55.09 -8.99 -14.40
N GLY A 91 54.74 -10.21 -14.00
CA GLY A 91 55.33 -10.85 -12.85
C GLY A 91 54.83 -10.35 -11.52
N GLN A 92 53.93 -9.37 -11.58
CA GLN A 92 53.37 -8.78 -10.39
C GLN A 92 51.91 -9.20 -10.20
N VAL A 93 51.41 -9.08 -8.98
CA VAL A 93 50.05 -9.45 -8.71
C VAL A 93 49.65 -8.62 -7.55
N MET A 94 48.36 -8.48 -7.30
CA MET A 94 47.89 -7.68 -6.18
C MET A 94 46.75 -8.41 -5.54
N ARG A 95 46.75 -8.50 -4.21
CA ARG A 95 45.69 -9.22 -3.53
C ARG A 95 44.38 -8.45 -3.64
N VAL A 96 43.31 -9.14 -4.05
CA VAL A 96 41.97 -8.54 -4.05
C VAL A 96 41.08 -9.22 -3.01
N THR A 97 39.98 -8.57 -2.65
CA THR A 97 38.95 -9.22 -1.87
C THR A 97 37.69 -8.92 -2.60
N THR A 98 36.75 -9.86 -2.56
CA THR A 98 35.55 -9.81 -3.38
C THR A 98 34.95 -8.44 -3.32
N GLY A 99 34.93 -7.78 -4.47
CA GLY A 99 34.30 -6.49 -4.59
C GLY A 99 35.26 -5.34 -4.82
N ALA A 100 36.52 -5.55 -4.47
CA ALA A 100 37.57 -4.54 -4.68
C ALA A 100 37.81 -4.26 -6.16
N PRO A 101 38.18 -3.03 -6.48
CA PRO A 101 38.50 -2.69 -7.87
C PRO A 101 39.70 -3.51 -8.33
N ILE A 102 39.62 -4.02 -9.55
CA ILE A 102 40.74 -4.70 -10.15
C ILE A 102 41.69 -3.61 -10.62
N PRO A 103 42.98 -3.71 -10.27
CA PRO A 103 43.97 -2.69 -10.63
C PRO A 103 44.24 -2.68 -12.12
N CYS A 104 44.71 -1.53 -12.62
CA CYS A 104 45.05 -1.41 -14.04
C CYS A 104 46.16 -2.38 -14.43
N GLY A 105 45.94 -3.08 -15.54
CA GLY A 105 46.91 -3.99 -16.11
C GLY A 105 46.78 -5.44 -15.66
N ALA A 106 45.65 -5.75 -15.02
CA ALA A 106 45.33 -7.13 -14.61
C ALA A 106 44.25 -7.79 -15.50
N ASP A 107 44.56 -8.94 -16.07
CA ASP A 107 43.66 -9.68 -16.92
C ASP A 107 42.43 -10.21 -16.19
N ALA A 108 42.66 -10.78 -15.01
CA ALA A 108 41.68 -11.63 -14.32
C ALA A 108 42.03 -11.82 -12.85
N VAL A 109 41.12 -12.40 -12.08
CA VAL A 109 41.47 -12.81 -10.71
C VAL A 109 41.49 -14.34 -10.55
N VAL A 110 42.49 -14.82 -9.82
CA VAL A 110 42.61 -16.22 -9.41
C VAL A 110 42.11 -16.29 -7.95
N GLN A 111 41.28 -17.27 -7.61
CA GLN A 111 40.83 -17.34 -6.21
C GLN A 111 41.99 -17.90 -5.39
N VAL A 112 42.05 -17.55 -4.10
CA VAL A 112 43.19 -17.94 -3.25
C VAL A 112 43.49 -19.44 -3.23
N GLU A 113 42.44 -20.26 -3.31
CA GLU A 113 42.55 -21.70 -3.28
C GLU A 113 43.52 -22.19 -4.36
N ASP A 114 43.63 -21.41 -5.42
CA ASP A 114 44.52 -21.76 -6.52
C ASP A 114 45.88 -21.06 -6.45
N THR A 115 46.31 -20.73 -5.23
CA THR A 115 47.58 -20.05 -5.03
C THR A 115 48.25 -20.62 -3.79
N GLU A 116 49.59 -20.61 -3.78
CA GLU A 116 50.35 -21.03 -2.61
C GLU A 116 51.36 -19.97 -2.19
N LEU A 117 51.24 -19.49 -0.96
CA LEU A 117 52.07 -18.41 -0.43
C LEU A 117 53.52 -18.82 -0.21
N ILE A 118 54.43 -18.35 -1.05
CA ILE A 118 55.83 -18.77 -0.94
C ILE A 118 56.58 -18.05 0.18
N ARG A 119 57.26 -16.97 -0.17
CA ARG A 119 58.07 -16.28 0.81
C ARG A 119 57.32 -15.12 1.45
N GLU A 120 57.38 -15.07 2.78
CA GLU A 120 56.96 -13.90 3.53
C GLU A 120 58.10 -12.87 3.48
N SER A 121 57.95 -11.78 4.21
CA SER A 121 58.98 -10.76 4.30
C SER A 121 60.01 -11.17 5.33
N ASP A 122 61.20 -10.56 5.25
CA ASP A 122 62.26 -10.78 6.23
C ASP A 122 61.86 -10.34 7.66
N ASP A 123 60.82 -9.50 7.75
CA ASP A 123 60.14 -9.16 9.00
C ASP A 123 58.84 -9.98 9.04
N GLY A 124 58.27 -10.17 10.23
CA GLY A 124 57.02 -10.90 10.38
C GLY A 124 55.93 -10.38 9.44
N THR A 125 55.78 -9.06 9.45
CA THR A 125 54.84 -8.28 8.63
C THR A 125 53.99 -8.95 7.53
N GLU A 126 54.57 -9.08 6.34
CA GLU A 126 53.78 -9.27 5.13
C GLU A 126 54.06 -10.54 4.35
N GLU A 127 53.34 -10.68 3.24
CA GLU A 127 53.48 -11.81 2.33
C GLU A 127 53.88 -11.25 0.99
N LEU A 128 55.05 -11.63 0.51
CA LEU A 128 55.62 -10.99 -0.67
C LEU A 128 55.41 -11.74 -1.98
N GLU A 129 55.87 -12.98 -2.06
CA GLU A 129 55.60 -13.80 -3.25
C GLU A 129 54.34 -14.63 -3.05
N VAL A 130 53.69 -14.98 -4.16
CA VAL A 130 52.68 -16.03 -4.13
C VAL A 130 52.86 -16.84 -5.38
N ARG A 131 52.42 -18.09 -5.34
CA ARG A 131 52.57 -18.97 -6.49
C ARG A 131 51.22 -19.30 -7.10
N ILE A 132 50.92 -18.66 -8.21
CA ILE A 132 49.64 -18.86 -8.86
C ILE A 132 49.67 -20.22 -9.52
N LEU A 133 48.72 -21.06 -9.14
CA LEU A 133 48.67 -22.43 -9.59
C LEU A 133 47.82 -22.66 -10.87
N VAL A 134 47.16 -21.62 -11.35
CA VAL A 134 46.19 -21.81 -12.38
C VAL A 134 46.48 -20.90 -13.57
N GLN A 135 46.52 -21.47 -14.76
CA GLN A 135 46.47 -20.68 -15.99
C GLN A 135 45.02 -20.31 -16.13
N ALA A 136 44.74 -19.01 -16.01
CA ALA A 136 43.37 -18.57 -15.81
C ALA A 136 42.80 -17.91 -17.06
N ARG A 137 41.58 -18.29 -17.41
CA ARG A 137 40.91 -17.70 -18.55
C ARG A 137 40.77 -16.19 -18.30
N PRO A 138 41.31 -15.38 -19.20
CA PRO A 138 41.25 -13.91 -19.06
C PRO A 138 39.84 -13.40 -18.83
N GLY A 139 39.68 -12.51 -17.85
CA GLY A 139 38.37 -12.03 -17.44
C GLY A 139 37.76 -12.84 -16.31
N GLN A 140 38.50 -13.84 -15.84
CA GLN A 140 38.07 -14.77 -14.80
C GLN A 140 37.69 -14.09 -13.49
N ASP A 141 36.43 -14.26 -13.10
CA ASP A 141 35.92 -13.77 -11.82
C ASP A 141 35.95 -12.25 -11.64
N ILE A 142 36.00 -11.52 -12.75
CA ILE A 142 35.84 -10.08 -12.70
C ILE A 142 34.50 -9.72 -13.31
N ARG A 143 33.67 -9.00 -12.56
CA ARG A 143 32.48 -8.37 -13.14
C ARG A 143 32.91 -6.98 -13.56
N PRO A 144 32.83 -6.72 -14.86
CA PRO A 144 33.42 -5.50 -15.41
C PRO A 144 32.47 -4.31 -15.36
N ILE A 145 33.01 -3.12 -15.50
CA ILE A 145 32.23 -1.91 -15.72
C ILE A 145 30.95 -2.24 -16.47
N GLY A 146 29.82 -1.91 -15.88
CA GLY A 146 28.57 -1.94 -16.60
C GLY A 146 27.78 -3.22 -16.59
N HIS A 147 28.34 -4.29 -16.04
CA HIS A 147 27.57 -5.53 -15.95
C HIS A 147 26.17 -5.27 -15.46
N ASP A 148 26.03 -4.46 -14.41
CA ASP A 148 24.73 -4.18 -13.80
C ASP A 148 23.96 -3.10 -14.53
N ILE A 149 24.56 -1.92 -14.65
CA ILE A 149 24.02 -0.89 -15.53
C ILE A 149 25.16 -0.29 -16.33
N LYS A 150 24.91 0.00 -17.60
CA LYS A 150 25.89 0.65 -18.45
C LYS A 150 25.55 2.14 -18.56
N ARG A 151 26.58 2.97 -18.54
CA ARG A 151 26.41 4.41 -18.66
C ARG A 151 25.51 4.76 -19.82
N GLY A 152 24.50 5.58 -19.56
CA GLY A 152 23.70 6.12 -20.63
C GLY A 152 22.53 5.28 -21.07
N GLU A 153 22.37 4.10 -20.50
CA GLU A 153 21.17 3.32 -20.80
C GLU A 153 19.97 3.85 -20.02
N CYS A 154 18.78 3.71 -20.58
CA CYS A 154 17.52 4.08 -19.91
C CYS A 154 17.19 3.06 -18.83
N VAL A 155 16.97 3.52 -17.61
CA VAL A 155 16.67 2.59 -16.52
C VAL A 155 15.24 2.65 -16.03
N LEU A 156 14.60 3.79 -16.23
CA LEU A 156 13.20 3.96 -15.87
C LEU A 156 12.53 4.79 -16.93
N ALA A 157 11.46 4.24 -17.50
CA ALA A 157 10.79 4.88 -18.61
C ALA A 157 9.82 5.95 -18.16
N LYS A 158 9.73 7.03 -18.93
CA LYS A 158 8.71 8.06 -18.69
C LYS A 158 7.35 7.39 -18.52
N GLY A 159 6.67 7.74 -17.43
CA GLY A 159 5.34 7.23 -17.17
C GLY A 159 5.32 6.10 -16.15
N THR A 160 6.50 5.71 -15.67
CA THR A 160 6.60 4.65 -14.66
C THR A 160 5.96 5.04 -13.35
N HIS A 161 5.15 4.15 -12.79
CA HIS A 161 4.64 4.37 -11.45
C HIS A 161 5.59 3.75 -10.43
N MET A 162 6.25 4.60 -9.66
CA MET A 162 7.38 4.14 -8.83
C MET A 162 7.02 3.38 -7.56
N GLY A 163 7.66 2.23 -7.39
CA GLY A 163 7.64 1.52 -6.12
C GLY A 163 8.96 1.74 -5.39
N PRO A 164 9.09 1.23 -4.16
CA PRO A 164 10.38 1.23 -3.48
C PRO A 164 11.50 0.70 -4.37
N SER A 165 11.25 -0.39 -5.08
CA SER A 165 12.33 -0.93 -5.89
C SER A 165 12.84 0.09 -6.93
N GLU A 166 11.94 0.98 -7.36
CA GLU A 166 12.28 1.99 -8.35
C GLU A 166 13.13 3.08 -7.75
N ILE A 167 12.78 3.52 -6.54
CA ILE A 167 13.61 4.47 -5.77
C ILE A 167 15.03 3.88 -5.66
N GLY A 168 15.09 2.60 -5.31
CA GLY A 168 16.34 1.86 -5.34
C GLY A 168 17.15 2.21 -6.58
N LEU A 169 16.64 1.84 -7.74
CA LEU A 169 17.23 2.27 -8.97
C LEU A 169 17.59 3.75 -8.90
N LEU A 170 16.59 4.63 -8.80
CA LEU A 170 16.84 6.08 -8.79
C LEU A 170 18.09 6.47 -7.99
N ALA A 171 18.24 5.84 -6.82
CA ALA A 171 19.43 6.02 -5.99
C ALA A 171 20.66 5.45 -6.69
N THR A 172 20.63 4.16 -6.98
CA THR A 172 21.72 3.48 -7.67
C THR A 172 22.35 4.34 -8.75
N VAL A 173 21.50 4.75 -9.68
CA VAL A 173 21.93 5.52 -10.83
C VAL A 173 22.40 6.94 -10.45
N GLY A 174 21.94 7.43 -9.29
CA GLY A 174 22.39 8.70 -8.75
C GLY A 174 21.55 9.91 -9.14
N VAL A 175 20.42 9.64 -9.81
CA VAL A 175 19.38 10.64 -10.11
C VAL A 175 18.57 10.96 -8.86
N THR A 176 18.69 12.19 -8.40
CA THR A 176 18.27 12.57 -7.07
C THR A 176 17.02 13.44 -7.08
N GLU A 177 16.81 14.13 -8.20
CA GLU A 177 15.62 14.95 -8.42
C GLU A 177 14.98 14.57 -9.73
N VAL A 178 13.77 14.04 -9.67
CA VAL A 178 13.06 13.67 -10.89
C VAL A 178 11.83 14.51 -11.18
N GLU A 179 11.50 14.59 -12.47
CA GLU A 179 10.29 15.21 -12.94
C GLU A 179 9.16 14.19 -12.81
N VAL A 180 8.10 14.59 -12.12
CA VAL A 180 6.97 13.72 -11.81
C VAL A 180 5.69 14.53 -11.87
N ASN A 181 4.60 13.91 -12.31
CA ASN A 181 3.29 14.60 -12.27
C ASN A 181 2.93 14.85 -10.83
N LYS A 182 2.33 16.00 -10.54
CA LYS A 182 1.97 16.30 -9.15
C LYS A 182 0.70 15.61 -8.68
N PHE A 183 0.72 15.21 -7.42
CA PHE A 183 -0.45 14.71 -6.71
C PHE A 183 -1.51 15.79 -6.64
N PRO A 184 -2.78 15.45 -6.88
CA PRO A 184 -3.87 16.41 -6.76
C PRO A 184 -4.26 16.58 -5.32
N VAL A 185 -4.33 17.82 -4.86
CA VAL A 185 -4.79 18.06 -3.49
C VAL A 185 -6.34 18.05 -3.50
N VAL A 186 -6.93 17.26 -2.59
CA VAL A 186 -8.38 17.05 -2.62
C VAL A 186 -9.08 17.61 -1.40
N ALA A 187 -10.05 18.47 -1.66
CA ALA A 187 -10.85 19.09 -0.62
C ALA A 187 -12.15 18.33 -0.40
N VAL A 188 -12.46 18.06 0.85
CA VAL A 188 -13.66 17.32 1.16
C VAL A 188 -14.49 18.08 2.20
N MET A 189 -15.81 18.04 2.02
CA MET A 189 -16.73 18.73 2.90
C MET A 189 -18.01 17.90 3.02
N SER A 190 -18.83 18.23 4.02
CA SER A 190 -20.10 17.54 4.20
C SER A 190 -21.26 18.51 4.36
N THR A 191 -22.33 18.29 3.58
CA THR A 191 -23.49 19.17 3.59
C THR A 191 -24.62 18.59 4.41
N GLY A 192 -25.27 19.44 5.20
CA GLY A 192 -26.43 19.04 5.98
C GLY A 192 -26.52 19.73 7.32
N ASN A 193 -27.73 20.19 7.66
CA ASN A 193 -27.95 20.92 8.91
C ASN A 193 -28.04 19.96 10.09
N GLU A 194 -28.13 18.68 9.78
CA GLU A 194 -28.33 17.64 10.80
C GLU A 194 -27.03 17.01 11.33
N LEU A 195 -25.88 17.54 10.91
CA LEU A 195 -24.59 16.93 11.28
C LEU A 195 -23.84 17.68 12.37
N LEU A 196 -23.26 16.91 13.28
CA LEU A 196 -22.36 17.43 14.30
C LEU A 196 -20.97 16.79 14.19
N ASN A 197 -19.95 17.50 14.65
CA ASN A 197 -18.61 16.96 14.67
C ASN A 197 -18.51 15.84 15.70
N PRO A 198 -18.06 14.65 15.28
CA PRO A 198 -18.08 13.45 16.12
C PRO A 198 -17.71 13.69 17.58
N GLU A 199 -16.96 14.75 17.83
CA GLU A 199 -16.55 15.13 19.17
C GLU A 199 -17.76 15.54 20.03
N ASP A 200 -18.79 16.11 19.39
CA ASP A 200 -19.98 16.61 20.09
C ASP A 200 -20.91 15.51 20.60
N ASP A 201 -21.56 15.78 21.74
CA ASP A 201 -22.62 14.93 22.26
C ASP A 201 -23.86 15.23 21.45
N LEU A 202 -24.46 14.18 20.92
CA LEU A 202 -25.54 14.31 19.98
C LEU A 202 -26.71 15.17 20.52
N LEU A 203 -27.28 16.00 19.64
CA LEU A 203 -28.38 16.90 20.00
C LEU A 203 -29.65 16.52 19.23
N PRO A 204 -30.82 17.00 19.68
CA PRO A 204 -32.11 16.54 19.11
C PRO A 204 -32.28 16.96 17.67
N GLY A 205 -32.59 15.97 16.82
CA GLY A 205 -32.73 16.19 15.39
C GLY A 205 -31.46 15.89 14.60
N LYS A 206 -30.35 15.72 15.30
CA LYS A 206 -29.03 15.61 14.67
C LYS A 206 -28.32 14.24 14.81
N ILE A 207 -27.30 14.05 13.98
CA ILE A 207 -26.47 12.86 13.98
C ILE A 207 -25.03 13.28 13.75
N ARG A 208 -24.09 12.36 13.90
CA ARG A 208 -22.69 12.69 13.69
C ARG A 208 -22.24 12.64 12.20
N ASP A 209 -21.24 13.46 11.87
CA ASP A 209 -20.76 13.54 10.49
C ASP A 209 -19.82 12.40 10.18
N SER A 210 -20.36 11.37 9.53
CA SER A 210 -19.63 10.14 9.31
C SER A 210 -18.65 10.23 8.14
N ASN A 211 -19.19 10.60 6.97
CA ASN A 211 -18.50 10.40 5.69
C ASN A 211 -17.19 11.12 5.49
N ARG A 212 -17.18 12.41 5.83
CA ARG A 212 -15.97 13.23 5.81
C ARG A 212 -14.73 12.49 6.34
N SER A 213 -14.89 11.81 7.47
CA SER A 213 -13.78 11.05 8.06
C SER A 213 -13.39 9.89 7.19
N THR A 214 -14.39 9.11 6.76
CA THR A 214 -14.20 7.99 5.85
C THR A 214 -13.50 8.43 4.59
N LEU A 215 -13.97 9.56 4.06
CA LEU A 215 -13.56 10.00 2.75
C LEU A 215 -12.14 10.54 2.79
N LEU A 216 -11.85 11.40 3.76
CA LEU A 216 -10.49 11.90 3.88
C LEU A 216 -9.59 10.71 4.01
N ALA A 217 -9.98 9.77 4.86
CA ALA A 217 -9.13 8.61 5.11
C ALA A 217 -9.03 7.75 3.87
N THR A 218 -10.12 7.62 3.11
CA THR A 218 -10.08 6.84 1.88
C THR A 218 -9.10 7.40 0.85
N ILE A 219 -9.04 8.72 0.72
CA ILE A 219 -8.12 9.28 -0.26
C ILE A 219 -6.70 9.26 0.31
N GLN A 220 -6.56 9.48 1.60
CA GLN A 220 -5.23 9.50 2.18
C GLN A 220 -4.56 8.12 2.13
N GLU A 221 -5.38 7.07 2.07
CA GLU A 221 -4.84 5.72 1.95
C GLU A 221 -4.05 5.66 0.68
N HIS A 222 -4.43 6.48 -0.31
CA HIS A 222 -3.69 6.54 -1.56
C HIS A 222 -2.58 7.57 -1.51
N GLY A 223 -2.62 8.42 -0.49
CA GLY A 223 -1.52 9.32 -0.19
C GLY A 223 -1.56 10.61 -0.99
N TYR A 224 -2.77 11.03 -1.33
CA TYR A 224 -2.98 12.36 -1.87
C TYR A 224 -3.18 13.32 -0.72
N PRO A 225 -2.96 14.61 -0.94
CA PRO A 225 -3.17 15.60 0.11
C PRO A 225 -4.64 15.94 0.22
N THR A 226 -5.04 16.17 1.47
CA THR A 226 -6.42 16.33 1.89
C THR A 226 -6.62 17.78 2.29
N ILE A 227 -7.82 18.30 2.06
CA ILE A 227 -8.20 19.59 2.60
C ILE A 227 -9.59 19.47 3.27
N ASN A 228 -9.60 19.53 4.61
CA ASN A 228 -10.84 19.35 5.39
C ASN A 228 -11.67 20.61 5.39
N LEU A 229 -12.78 20.58 4.68
CA LEU A 229 -13.64 21.75 4.57
C LEU A 229 -14.76 21.78 5.59
N GLY A 230 -14.79 20.78 6.47
CA GLY A 230 -15.76 20.71 7.55
C GLY A 230 -17.20 20.50 7.11
N ILE A 231 -18.11 20.71 8.06
CA ILE A 231 -19.53 20.60 7.78
C ILE A 231 -20.10 21.93 7.32
N VAL A 232 -20.98 21.86 6.34
CA VAL A 232 -21.57 23.06 5.77
C VAL A 232 -23.07 22.82 5.58
N GLY A 233 -23.88 23.80 5.97
CA GLY A 233 -25.32 23.61 6.01
C GLY A 233 -25.95 23.41 4.63
N ASP A 234 -27.18 22.90 4.62
CA ASP A 234 -27.92 22.78 3.37
C ASP A 234 -28.59 24.10 3.03
N ASN A 235 -27.77 25.04 2.56
CA ASN A 235 -28.20 26.36 2.11
C ASN A 235 -27.24 26.95 1.08
N PRO A 236 -27.78 27.44 -0.04
CA PRO A 236 -26.97 28.01 -1.12
C PRO A 236 -25.83 28.92 -0.67
N ASP A 237 -26.02 29.81 0.31
CA ASP A 237 -24.92 30.73 0.63
C ASP A 237 -23.68 30.03 1.19
N ASP A 238 -23.83 29.39 2.34
CA ASP A 238 -22.73 28.71 3.03
C ASP A 238 -22.17 27.62 2.12
N LEU A 239 -23.06 27.02 1.32
CA LEU A 239 -22.68 25.99 0.36
C LEU A 239 -21.69 26.50 -0.68
N LEU A 240 -22.05 27.59 -1.35
CA LEU A 240 -21.18 28.24 -2.32
C LEU A 240 -19.87 28.66 -1.68
N ASN A 241 -19.97 29.43 -0.60
CA ASN A 241 -18.82 29.89 0.19
C ASN A 241 -17.75 28.83 0.33
N ALA A 242 -18.20 27.61 0.65
CA ALA A 242 -17.33 26.46 0.77
C ALA A 242 -16.76 26.10 -0.60
N LEU A 243 -17.61 25.64 -1.51
CA LEU A 243 -17.17 25.28 -2.86
C LEU A 243 -16.10 26.23 -3.38
N ASN A 244 -16.22 27.50 -3.01
CA ASN A 244 -15.25 28.51 -3.39
C ASN A 244 -13.88 28.31 -2.74
N GLU A 245 -13.84 28.25 -1.41
CA GLU A 245 -12.65 27.83 -0.68
C GLU A 245 -12.08 26.60 -1.33
N GLY A 246 -12.95 25.66 -1.68
CA GLY A 246 -12.58 24.42 -2.32
C GLY A 246 -11.75 24.61 -3.57
N ILE A 247 -12.37 25.21 -4.59
CA ILE A 247 -11.69 25.54 -5.85
C ILE A 247 -10.42 26.36 -5.64
N SER A 248 -10.45 27.28 -4.68
CA SER A 248 -9.31 28.11 -4.36
C SER A 248 -8.13 27.31 -3.81
N ARG A 249 -8.44 26.31 -2.98
CA ARG A 249 -7.38 25.61 -2.26
C ARG A 249 -6.93 24.26 -2.85
N ALA A 250 -7.80 23.61 -3.63
CA ALA A 250 -7.49 22.26 -4.12
C ALA A 250 -7.81 22.03 -5.59
N ASP A 251 -7.64 20.80 -6.05
CA ASP A 251 -7.88 20.48 -7.45
C ASP A 251 -9.15 19.65 -7.63
N VAL A 252 -9.55 18.93 -6.59
CA VAL A 252 -10.80 18.17 -6.61
C VAL A 252 -11.61 18.47 -5.36
N ILE A 253 -12.88 18.84 -5.54
CA ILE A 253 -13.80 19.02 -4.41
C ILE A 253 -14.74 17.85 -4.28
N ILE A 254 -14.80 17.28 -3.08
CA ILE A 254 -15.67 16.17 -2.81
C ILE A 254 -16.69 16.59 -1.77
N THR A 255 -17.96 16.41 -2.15
CA THR A 255 -19.09 16.77 -1.31
C THR A 255 -19.91 15.53 -0.98
N SER A 256 -20.13 15.34 0.30
CA SER A 256 -20.95 14.25 0.80
C SER A 256 -22.18 14.86 1.46
N GLY A 257 -23.30 14.86 0.74
CA GLY A 257 -24.48 15.51 1.25
C GLY A 257 -25.76 15.13 0.53
N GLY A 258 -26.47 14.17 1.12
CA GLY A 258 -27.69 13.56 0.58
C GLY A 258 -28.59 14.49 -0.20
N VAL A 259 -28.38 14.51 -1.52
CA VAL A 259 -29.10 15.39 -2.43
C VAL A 259 -29.94 14.61 -3.46
N ASP A 265 -30.53 18.94 -5.50
CA ASP A 265 -31.17 20.17 -6.06
C ASP A 265 -30.39 21.44 -5.66
N TYR A 266 -30.54 21.85 -4.39
CA TYR A 266 -29.84 23.01 -3.80
C TYR A 266 -28.37 23.07 -4.18
N LEU A 267 -27.70 21.94 -4.09
CA LEU A 267 -26.28 21.81 -4.45
C LEU A 267 -26.10 22.03 -5.94
N LYS A 268 -26.74 21.18 -6.75
CA LYS A 268 -26.68 21.26 -8.22
C LYS A 268 -26.92 22.67 -8.76
N GLN A 269 -27.90 23.36 -8.17
CA GLN A 269 -28.22 24.73 -8.55
C GLN A 269 -27.05 25.67 -8.37
N VAL A 270 -26.25 25.47 -7.32
CA VAL A 270 -25.13 26.35 -7.01
C VAL A 270 -24.02 26.17 -8.05
N LEU A 271 -23.73 24.93 -8.41
CA LEU A 271 -22.71 24.66 -9.42
C LEU A 271 -23.13 25.16 -10.78
N ASP A 272 -24.34 24.80 -11.19
CA ASP A 272 -24.80 25.08 -12.53
C ASP A 272 -25.10 26.57 -12.80
N ILE A 273 -25.23 27.37 -11.75
CA ILE A 273 -25.61 28.76 -11.97
C ILE A 273 -24.69 29.77 -11.33
N ASP A 274 -24.34 29.57 -10.06
CA ASP A 274 -23.48 30.50 -9.36
C ASP A 274 -22.01 30.27 -9.69
N LEU A 275 -21.64 29.01 -9.86
CA LEU A 275 -20.26 28.64 -10.18
C LEU A 275 -20.05 28.51 -11.68
N HIS A 276 -21.15 28.34 -12.42
CA HIS A 276 -21.11 28.08 -13.86
C HIS A 276 -20.28 26.84 -14.16
N ALA A 277 -20.57 25.76 -13.44
CA ALA A 277 -19.91 24.48 -13.65
C ALA A 277 -20.77 23.67 -14.60
N GLN A 278 -20.19 22.62 -15.16
CA GLN A 278 -20.89 21.77 -16.11
C GLN A 278 -21.14 20.39 -15.53
N ILE A 279 -22.37 20.13 -15.11
CA ILE A 279 -22.74 18.82 -14.60
C ILE A 279 -22.79 17.85 -15.77
N HIS A 280 -21.92 16.83 -15.72
CA HIS A 280 -21.84 15.86 -16.80
C HIS A 280 -22.84 14.73 -16.58
N PHE A 281 -23.13 14.45 -15.31
CA PHE A 281 -24.22 13.54 -14.96
C PHE A 281 -24.66 13.77 -13.51
N GLY A 282 -25.93 13.50 -13.25
CA GLY A 282 -26.54 13.81 -11.98
C GLY A 282 -27.18 12.62 -11.32
N ARG A 283 -27.51 11.63 -12.14
CA ARG A 283 -28.07 10.39 -11.63
C ARG A 283 -27.44 9.24 -12.37
N VAL A 284 -27.26 8.11 -11.68
CA VAL A 284 -26.59 6.95 -12.26
C VAL A 284 -27.29 5.65 -11.85
N PHE A 285 -27.41 4.76 -12.83
CA PHE A 285 -28.08 3.48 -12.68
C PHE A 285 -27.20 2.47 -11.95
N MET A 286 -27.16 2.58 -10.62
CA MET A 286 -26.34 1.68 -9.80
C MET A 286 -26.85 1.65 -8.38
N LYS A 287 -26.55 0.56 -7.68
CA LYS A 287 -26.85 0.47 -6.26
C LYS A 287 -25.57 0.11 -5.50
N PRO A 288 -25.19 0.94 -4.52
CA PRO A 288 -25.92 2.14 -4.16
C PRO A 288 -25.39 3.36 -4.91
N GLY A 289 -25.93 4.53 -4.62
CA GLY A 289 -25.39 5.78 -5.15
C GLY A 289 -26.05 6.27 -6.42
N LEU A 290 -27.36 6.06 -6.56
CA LEU A 290 -28.12 6.60 -7.68
C LEU A 290 -27.95 8.13 -7.90
N PRO A 291 -28.02 8.95 -6.83
CA PRO A 291 -27.91 10.41 -6.98
C PRO A 291 -26.50 10.98 -7.09
N THR A 292 -25.51 10.17 -7.45
CA THR A 292 -24.12 10.63 -7.60
C THR A 292 -23.93 11.71 -8.67
N THR A 293 -23.10 12.71 -8.37
CA THR A 293 -22.93 13.83 -9.28
C THR A 293 -21.48 14.21 -9.56
N PHE A 294 -21.13 14.15 -10.85
CA PHE A 294 -19.83 14.58 -11.36
C PHE A 294 -19.98 15.98 -11.93
N ALA A 295 -18.87 16.72 -12.01
CA ALA A 295 -18.89 18.10 -12.50
C ALA A 295 -17.47 18.60 -12.79
N THR A 296 -17.33 19.45 -13.80
CA THR A 296 -16.06 20.10 -14.07
C THR A 296 -16.23 21.61 -14.09
N LEU A 297 -15.13 22.31 -13.87
CA LEU A 297 -15.14 23.76 -13.82
C LEU A 297 -13.76 24.22 -14.23
N ASP A 298 -13.70 25.15 -15.18
CA ASP A 298 -12.43 25.63 -15.69
C ASP A 298 -12.15 27.07 -15.26
N ILE A 299 -11.27 27.22 -14.28
CA ILE A 299 -10.77 28.53 -13.86
C ILE A 299 -9.44 28.77 -14.56
N ASP A 300 -9.39 29.83 -15.38
CA ASP A 300 -8.24 30.13 -16.21
C ASP A 300 -7.66 28.87 -16.87
N GLY A 301 -8.51 28.14 -17.58
CA GLY A 301 -8.12 26.91 -18.27
C GLY A 301 -7.49 25.83 -17.40
N VAL A 302 -7.68 25.95 -16.09
CA VAL A 302 -7.18 24.97 -15.13
C VAL A 302 -8.39 24.22 -14.59
N ARG A 303 -8.74 23.11 -15.27
CA ARG A 303 -9.99 22.41 -14.96
C ARG A 303 -10.03 21.75 -13.60
N LYS A 304 -10.87 22.27 -12.73
CA LYS A 304 -11.14 21.63 -11.46
C LYS A 304 -12.28 20.62 -11.65
N ILE A 305 -12.28 19.60 -10.79
CA ILE A 305 -13.27 18.54 -10.88
C ILE A 305 -14.06 18.47 -9.57
N ILE A 306 -15.36 18.17 -9.68
CA ILE A 306 -16.25 18.23 -8.53
C ILE A 306 -17.21 17.06 -8.43
N PHE A 307 -16.92 16.16 -7.50
CA PHE A 307 -17.83 15.08 -7.15
C PHE A 307 -18.76 15.49 -6.03
N ALA A 308 -20.06 15.29 -6.27
CA ALA A 308 -21.09 15.39 -5.23
C ALA A 308 -21.66 14.01 -5.01
N LEU A 309 -21.20 13.36 -3.96
CA LEU A 309 -21.68 12.02 -3.62
C LEU A 309 -22.84 12.05 -2.62
N PRO A 310 -23.68 11.02 -2.65
CA PRO A 310 -24.80 10.91 -1.74
C PRO A 310 -24.37 10.92 -0.29
N GLY A 311 -25.35 10.93 0.63
CA GLY A 311 -25.10 11.02 2.06
C GLY A 311 -24.95 9.67 2.73
N ASN A 312 -25.66 8.65 2.23
CA ASN A 312 -25.62 7.32 2.82
C ASN A 312 -24.19 6.84 2.92
N PRO A 313 -23.70 6.70 4.16
CA PRO A 313 -22.28 6.45 4.45
C PRO A 313 -21.68 5.27 3.70
N VAL A 314 -22.52 4.35 3.25
CA VAL A 314 -22.06 3.21 2.47
C VAL A 314 -21.86 3.63 1.03
N SER A 315 -22.84 4.34 0.48
CA SER A 315 -22.76 4.84 -0.88
C SER A 315 -21.55 5.75 -1.05
N ALA A 316 -21.35 6.65 -0.08
CA ALA A 316 -20.21 7.56 -0.07
C ALA A 316 -18.90 6.82 -0.31
N VAL A 317 -18.69 5.72 0.41
CA VAL A 317 -17.50 4.93 0.23
C VAL A 317 -17.46 4.30 -1.16
N VAL A 318 -18.53 3.58 -1.48
CA VAL A 318 -18.64 2.81 -2.72
C VAL A 318 -18.35 3.65 -3.96
N THR A 319 -19.01 4.80 -4.08
CA THR A 319 -18.89 5.65 -5.27
C THR A 319 -17.51 6.23 -5.34
N CYS A 320 -17.02 6.68 -4.18
CA CYS A 320 -15.68 7.25 -4.09
C CYS A 320 -14.67 6.31 -4.72
N ASN A 321 -14.65 5.06 -4.27
CA ASN A 321 -13.81 4.03 -4.87
C ASN A 321 -14.13 3.74 -6.34
N LEU A 322 -15.34 4.07 -6.79
CA LEU A 322 -15.72 3.76 -8.15
C LEU A 322 -15.34 4.90 -9.07
N PHE A 323 -15.41 6.13 -8.55
CA PHE A 323 -15.22 7.30 -9.38
C PHE A 323 -14.05 8.16 -8.97
N VAL A 324 -14.04 8.64 -7.73
CA VAL A 324 -13.02 9.58 -7.29
C VAL A 324 -11.61 9.01 -7.49
N VAL A 325 -11.42 7.82 -6.95
CA VAL A 325 -10.11 7.17 -6.96
C VAL A 325 -9.60 6.99 -8.39
N PRO A 326 -10.34 6.29 -9.26
CA PRO A 326 -9.92 6.16 -10.65
C PRO A 326 -9.55 7.53 -11.20
N ALA A 327 -10.29 8.57 -10.85
CA ALA A 327 -10.02 9.92 -11.38
C ALA A 327 -8.75 10.51 -10.80
N LEU A 328 -8.54 10.35 -9.50
CA LEU A 328 -7.30 10.84 -8.88
C LEU A 328 -6.07 10.16 -9.48
N ARG A 329 -6.17 8.86 -9.75
CA ARG A 329 -5.10 8.13 -10.40
C ARG A 329 -4.80 8.76 -11.74
N LYS A 330 -5.83 8.86 -12.59
CA LYS A 330 -5.67 9.47 -13.90
C LYS A 330 -4.96 10.80 -13.77
N MET A 331 -5.30 11.51 -12.70
CA MET A 331 -4.80 12.85 -12.48
C MET A 331 -3.30 12.92 -12.20
N GLN A 332 -2.78 11.96 -11.44
CA GLN A 332 -1.35 11.95 -11.16
C GLN A 332 -0.55 11.29 -12.31
N GLY A 333 -1.24 11.06 -13.42
CA GLY A 333 -0.58 10.55 -14.62
C GLY A 333 -0.31 9.07 -14.62
N ILE A 334 -1.10 8.34 -13.84
CA ILE A 334 -1.15 6.87 -13.92
C ILE A 334 -1.62 6.59 -15.35
N LEU A 335 -1.02 5.61 -16.00
CA LEU A 335 -1.39 5.33 -17.39
C LEU A 335 -2.68 4.54 -17.52
N ASP A 336 -2.84 3.46 -16.76
CA ASP A 336 -4.12 2.77 -16.73
C ASP A 336 -4.78 2.85 -15.35
N PRO A 337 -5.57 3.88 -15.14
CA PRO A 337 -6.21 4.14 -13.85
C PRO A 337 -7.35 3.19 -13.54
N ARG A 338 -7.79 2.39 -14.51
CA ARG A 338 -8.87 1.45 -14.25
C ARG A 338 -8.49 0.55 -13.07
N PRO A 339 -9.44 0.31 -12.17
CA PRO A 339 -9.18 -0.42 -10.92
C PRO A 339 -9.08 -1.92 -11.13
N THR A 340 -8.19 -2.54 -10.37
CA THR A 340 -7.95 -3.97 -10.47
C THR A 340 -9.23 -4.69 -10.15
N ILE A 341 -9.70 -5.52 -11.08
CA ILE A 341 -10.86 -6.35 -10.81
C ILE A 341 -10.50 -7.80 -10.98
N ILE A 342 -10.67 -8.55 -9.90
CA ILE A 342 -10.29 -9.95 -9.86
C ILE A 342 -11.54 -10.81 -9.84
N LYS A 343 -11.41 -12.08 -10.22
CA LYS A 343 -12.52 -13.03 -10.13
C LYS A 343 -12.48 -13.69 -8.77
N ALA A 344 -13.66 -13.87 -8.17
CA ALA A 344 -13.78 -14.52 -6.86
C ALA A 344 -15.07 -15.31 -6.74
N ARG A 345 -15.02 -16.38 -5.93
CA ARG A 345 -16.20 -17.18 -5.65
C ARG A 345 -17.03 -16.53 -4.54
N LEU A 346 -18.35 -16.49 -4.72
CA LEU A 346 -19.28 -15.92 -3.74
C LEU A 346 -19.34 -16.76 -2.46
N SER A 347 -19.56 -16.12 -1.32
CA SER A 347 -19.55 -16.83 -0.05
C SER A 347 -20.94 -16.93 0.54
N CYS A 348 -21.89 -16.24 -0.09
CA CYS A 348 -23.29 -16.25 0.31
C CYS A 348 -24.17 -16.02 -0.91
N ASP A 349 -25.40 -16.53 -0.89
CA ASP A 349 -26.34 -16.30 -1.99
C ASP A 349 -26.82 -14.85 -1.96
N VAL A 350 -27.01 -14.26 -3.15
CA VAL A 350 -27.41 -12.86 -3.24
C VAL A 350 -28.56 -12.62 -4.23
N LYS A 351 -29.51 -11.80 -3.80
CA LYS A 351 -30.63 -11.40 -4.66
C LYS A 351 -30.21 -10.24 -5.55
N LEU A 352 -30.25 -10.48 -6.87
CA LEU A 352 -29.86 -9.49 -7.86
C LEU A 352 -30.90 -8.36 -7.98
N ASP A 353 -30.41 -7.16 -8.26
CA ASP A 353 -31.23 -5.96 -8.36
C ASP A 353 -31.38 -5.56 -9.82
N PRO A 354 -32.47 -4.86 -10.15
CA PRO A 354 -32.65 -4.25 -11.47
C PRO A 354 -31.44 -3.43 -11.92
N ARG A 355 -30.83 -2.73 -10.96
CA ARG A 355 -29.62 -1.96 -11.20
C ARG A 355 -28.39 -2.72 -10.67
N PRO A 356 -27.22 -2.45 -11.25
CA PRO A 356 -25.97 -3.09 -10.80
C PRO A 356 -25.57 -2.74 -9.35
N GLU A 357 -25.35 -3.77 -8.54
CA GLU A 357 -25.05 -3.60 -7.12
C GLU A 357 -23.55 -3.70 -6.82
N TYR A 358 -23.10 -2.95 -5.82
CA TYR A 358 -21.70 -2.99 -5.37
C TYR A 358 -21.64 -3.13 -3.86
N HIS A 359 -21.10 -4.26 -3.41
CA HIS A 359 -21.05 -4.57 -1.98
C HIS A 359 -19.65 -4.76 -1.46
N ARG A 360 -19.29 -3.99 -0.44
CA ARG A 360 -18.06 -4.20 0.29
C ARG A 360 -17.97 -5.66 0.71
N CYS A 361 -16.80 -6.25 0.54
CA CYS A 361 -16.60 -7.64 0.88
C CYS A 361 -15.17 -7.85 1.32
N ILE A 362 -14.84 -9.04 1.78
CA ILE A 362 -13.49 -9.34 2.21
C ILE A 362 -12.92 -10.54 1.45
N LEU A 363 -11.90 -10.26 0.64
CA LEU A 363 -11.25 -11.29 -0.18
C LEU A 363 -10.33 -12.15 0.65
N THR A 364 -10.43 -13.46 0.48
CA THR A 364 -9.65 -14.37 1.29
C THR A 364 -9.24 -15.57 0.42
N TRP A 365 -7.94 -15.74 0.26
CA TRP A 365 -7.39 -16.84 -0.53
C TRP A 365 -7.18 -18.04 0.37
N HIS A 366 -8.22 -18.88 0.47
CA HIS A 366 -8.19 -20.00 1.38
C HIS A 366 -7.22 -21.12 0.97
N HIS A 367 -6.17 -21.24 1.79
CA HIS A 367 -5.16 -22.31 1.72
C HIS A 367 -5.14 -23.22 0.48
N GLN A 368 -4.19 -22.94 -0.41
CA GLN A 368 -3.71 -23.86 -1.45
C GLN A 368 -4.62 -24.17 -2.64
N GLU A 369 -5.81 -23.55 -2.69
CA GLU A 369 -6.70 -23.70 -3.86
C GLU A 369 -6.86 -22.35 -4.57
N PRO A 370 -7.41 -22.32 -5.78
CA PRO A 370 -7.03 -21.28 -6.77
C PRO A 370 -7.76 -19.94 -6.72
N LEU A 371 -9.07 -19.93 -6.50
CA LEU A 371 -9.82 -18.67 -6.42
C LEU A 371 -10.06 -18.17 -4.99
N PRO A 372 -10.20 -16.87 -4.80
CA PRO A 372 -10.45 -16.34 -3.45
C PRO A 372 -11.94 -16.32 -3.13
N TRP A 373 -12.27 -16.57 -1.87
CA TRP A 373 -13.64 -16.41 -1.38
C TRP A 373 -13.89 -14.95 -1.02
N ALA A 374 -15.07 -14.43 -1.37
CA ALA A 374 -15.45 -13.08 -1.00
C ALA A 374 -16.69 -13.08 -0.12
N GLN A 375 -16.48 -12.85 1.19
CA GLN A 375 -17.56 -12.86 2.18
C GLN A 375 -18.13 -11.46 2.32
N SER A 376 -19.44 -11.33 2.10
CA SER A 376 -20.05 -10.00 2.10
C SER A 376 -20.36 -9.48 3.49
N THR A 377 -19.58 -8.47 3.89
CA THR A 377 -19.84 -7.70 5.10
C THR A 377 -20.98 -6.68 4.83
N GLY A 378 -21.42 -6.68 3.57
CA GLY A 378 -22.57 -5.95 3.06
C GLY A 378 -23.13 -4.75 3.80
N ASN A 379 -24.43 -4.83 4.13
CA ASN A 379 -25.13 -3.83 4.94
C ASN A 379 -26.37 -4.38 5.64
N GLN A 380 -26.45 -4.16 6.95
CA GLN A 380 -27.60 -4.53 7.77
C GLN A 380 -27.71 -3.60 8.99
N MET A 381 -26.65 -3.58 9.78
CA MET A 381 -26.57 -2.77 10.98
C MET A 381 -25.26 -1.97 11.05
N SER A 382 -24.18 -2.57 10.56
CA SER A 382 -22.83 -1.99 10.57
C SER A 382 -22.33 -1.62 11.97
N LEU A 385 -21.35 -9.76 9.76
CA LEU A 385 -20.07 -9.65 8.98
C LEU A 385 -18.93 -8.97 9.74
N MET A 386 -19.04 -8.99 11.08
CA MET A 386 -18.07 -8.41 12.02
C MET A 386 -16.66 -9.01 11.89
N SER A 387 -15.89 -8.50 10.93
CA SER A 387 -14.54 -8.99 10.71
C SER A 387 -13.56 -8.41 11.71
N MET A 388 -12.29 -8.77 11.51
CA MET A 388 -11.17 -8.18 12.23
C MET A 388 -10.36 -7.45 11.19
N ARG A 389 -10.59 -7.84 9.94
CA ARG A 389 -9.92 -7.25 8.80
C ARG A 389 -10.87 -6.39 7.97
N SER A 390 -10.40 -5.21 7.56
CA SER A 390 -11.22 -4.26 6.83
C SER A 390 -11.45 -4.68 5.39
N ALA A 391 -12.67 -4.42 4.90
CA ALA A 391 -13.10 -4.76 3.54
C ALA A 391 -11.98 -4.61 2.53
N ASN A 392 -11.63 -5.73 1.92
CA ASN A 392 -10.54 -5.82 0.97
C ASN A 392 -10.92 -5.25 -0.36
N GLY A 393 -12.07 -5.70 -0.86
CA GLY A 393 -12.57 -5.29 -2.16
C GLY A 393 -14.07 -5.07 -2.12
N LEU A 394 -14.64 -4.54 -3.20
CA LEU A 394 -16.08 -4.43 -3.30
C LEU A 394 -16.65 -5.20 -4.50
N LEU A 395 -17.72 -5.93 -4.21
CA LEU A 395 -18.29 -6.94 -5.10
C LEU A 395 -19.14 -6.34 -6.23
N MET A 396 -18.85 -6.76 -7.46
CA MET A 396 -19.51 -6.21 -8.64
C MET A 396 -20.62 -7.10 -9.18
N LEU A 397 -21.78 -7.04 -8.53
CA LEU A 397 -22.93 -7.81 -8.94
C LEU A 397 -23.55 -7.21 -10.20
N PRO A 398 -24.03 -8.04 -11.11
CA PRO A 398 -24.59 -7.56 -12.38
C PRO A 398 -26.08 -7.27 -12.25
N PRO A 399 -26.69 -6.60 -13.22
CA PRO A 399 -28.15 -6.38 -13.22
C PRO A 399 -28.89 -7.69 -13.47
N LYS A 400 -30.06 -7.86 -12.85
CA LYS A 400 -30.85 -9.08 -12.99
C LYS A 400 -31.40 -9.25 -14.41
N THR A 401 -31.22 -10.45 -14.97
CA THR A 401 -31.58 -10.76 -16.34
C THR A 401 -32.74 -11.76 -16.40
N GLU A 402 -33.25 -12.02 -17.60
CA GLU A 402 -34.32 -12.98 -17.81
C GLU A 402 -33.89 -14.42 -17.49
N GLN A 403 -32.59 -14.60 -17.22
CA GLN A 403 -32.02 -15.89 -16.85
C GLN A 403 -31.68 -15.93 -15.35
N TYR A 404 -30.51 -15.38 -14.98
CA TYR A 404 -30.05 -15.36 -13.60
C TYR A 404 -30.69 -14.21 -12.81
N VAL A 405 -31.26 -14.53 -11.66
CA VAL A 405 -31.89 -13.54 -10.79
C VAL A 405 -31.39 -13.69 -9.35
N GLU A 406 -30.53 -14.68 -9.13
CA GLU A 406 -29.98 -14.97 -7.81
C GLU A 406 -28.68 -15.75 -7.93
N LEU A 407 -27.55 -15.12 -7.59
CA LEU A 407 -26.25 -15.80 -7.65
C LEU A 407 -26.00 -16.64 -6.40
N HIS A 408 -25.47 -17.83 -6.60
CA HIS A 408 -25.34 -18.84 -5.55
C HIS A 408 -23.90 -18.98 -5.04
N LYS A 409 -23.77 -19.36 -3.78
CA LYS A 409 -22.48 -19.61 -3.15
C LYS A 409 -21.64 -20.54 -4.03
N GLY A 410 -20.46 -20.06 -4.41
CA GLY A 410 -19.57 -20.81 -5.28
C GLY A 410 -19.40 -20.19 -6.66
N GLU A 411 -20.44 -19.53 -7.14
CA GLU A 411 -20.40 -18.91 -8.46
C GLU A 411 -19.38 -17.77 -8.50
N VAL A 412 -18.74 -17.59 -9.66
CA VAL A 412 -17.53 -16.78 -9.77
C VAL A 412 -17.74 -15.35 -10.29
N VAL A 413 -17.65 -14.40 -9.37
CA VAL A 413 -18.02 -13.00 -9.62
C VAL A 413 -16.83 -12.04 -9.68
N ASP A 414 -17.05 -10.89 -10.33
CA ASP A 414 -16.08 -9.82 -10.39
C ASP A 414 -15.97 -9.10 -9.06
N VAL A 415 -14.75 -8.81 -8.63
CA VAL A 415 -14.50 -7.98 -7.45
C VAL A 415 -13.46 -6.92 -7.77
N MET A 416 -13.85 -5.67 -7.65
CA MET A 416 -12.92 -4.58 -7.76
C MET A 416 -12.17 -4.47 -6.44
N VAL A 417 -10.85 -4.42 -6.52
CA VAL A 417 -9.99 -4.31 -5.34
C VAL A 417 -9.99 -2.87 -4.80
N ILE A 418 -10.02 -2.70 -3.47
CA ILE A 418 -10.01 -1.37 -2.84
C ILE A 418 -9.06 -1.16 -1.65
N GLY A 419 -8.15 -2.09 -1.41
CA GLY A 419 -7.22 -1.96 -0.31
C GLY A 419 -6.16 -3.03 -0.42
N ARG A 420 -5.03 -2.83 0.26
CA ARG A 420 -3.93 -3.80 0.15
C ARG A 420 -4.49 -5.21 0.37
N LEU A 421 -4.71 -5.91 -0.74
CA LEU A 421 -5.35 -7.23 -0.76
C LEU A 421 -4.43 -8.31 -0.21
N MET B 3 28.49 -24.28 4.48
CA MET B 3 28.64 -24.17 5.96
C MET B 3 29.54 -23.01 6.39
N SER B 4 29.08 -22.29 7.41
CA SER B 4 29.82 -21.18 8.02
C SER B 4 29.84 -21.39 9.55
N PRO B 5 30.14 -20.35 10.35
CA PRO B 5 29.90 -20.44 11.80
C PRO B 5 28.44 -20.72 12.17
N PHE B 6 27.52 -20.58 11.20
CA PHE B 6 26.09 -20.70 11.45
C PHE B 6 25.43 -21.85 10.71
N PRO B 7 24.50 -22.53 11.39
CA PRO B 7 23.71 -23.60 10.75
C PRO B 7 22.73 -23.02 9.76
N LEU B 8 22.53 -23.73 8.65
CA LEU B 8 21.62 -23.30 7.60
C LEU B 8 20.18 -23.57 8.01
N THR B 9 19.42 -22.49 8.19
CA THR B 9 18.07 -22.59 8.72
C THR B 9 17.05 -22.76 7.62
N SER B 10 16.09 -23.65 7.87
CA SER B 10 14.98 -23.94 6.96
C SER B 10 14.24 -22.65 6.70
N MET B 11 13.78 -22.50 5.46
CA MET B 11 13.02 -21.33 5.04
C MET B 11 11.84 -21.08 5.97
N ASP B 12 11.01 -22.10 6.15
CA ASP B 12 9.86 -22.01 7.03
C ASP B 12 10.27 -21.78 8.47
N LYS B 13 11.29 -22.49 8.93
CA LYS B 13 11.76 -22.34 10.32
C LYS B 13 12.22 -20.93 10.56
N ALA B 14 12.93 -20.35 9.60
CA ALA B 14 13.42 -18.98 9.70
C ALA B 14 12.26 -18.02 9.88
N PHE B 15 11.27 -18.13 9.00
CA PHE B 15 10.06 -17.33 9.07
C PHE B 15 9.37 -17.51 10.43
N ILE B 16 8.96 -18.73 10.74
CA ILE B 16 8.23 -18.99 11.98
C ILE B 16 8.98 -18.52 13.22
N THR B 17 10.31 -18.42 13.09
CA THR B 17 11.14 -17.91 14.18
C THR B 17 10.97 -16.43 14.35
N VAL B 18 11.02 -15.69 13.25
CA VAL B 18 10.93 -14.24 13.28
C VAL B 18 9.63 -13.80 13.89
N LEU B 19 8.55 -14.48 13.52
CA LEU B 19 7.23 -14.23 14.09
C LEU B 19 7.18 -14.55 15.58
N GLU B 20 7.57 -15.77 15.93
CA GLU B 20 7.53 -16.20 17.32
C GLU B 20 8.39 -15.34 18.23
N MET B 21 9.53 -14.91 17.73
CA MET B 21 10.46 -14.15 18.55
C MET B 21 10.04 -12.70 18.72
N THR B 22 9.36 -12.14 17.71
CA THR B 22 8.88 -10.75 17.73
C THR B 22 7.85 -10.49 18.82
N PRO B 23 7.98 -9.36 19.50
CA PRO B 23 7.03 -8.97 20.53
C PRO B 23 5.65 -8.57 19.97
N VAL B 24 4.85 -7.89 20.78
CA VAL B 24 3.74 -7.08 20.33
C VAL B 24 3.84 -5.85 21.22
N LEU B 25 3.83 -4.68 20.59
CA LEU B 25 4.03 -3.43 21.32
C LEU B 25 2.87 -3.07 22.22
N GLY B 26 3.11 -2.10 23.08
CA GLY B 26 2.10 -1.62 24.00
C GLY B 26 1.01 -0.80 23.34
N THR B 27 0.05 -0.34 24.12
CA THR B 27 -1.02 0.47 23.54
C THR B 27 -0.74 1.92 23.75
N GLU B 28 -1.66 2.73 23.24
CA GLU B 28 -1.50 4.15 23.02
C GLU B 28 -2.92 4.64 22.81
N ILE B 29 -3.19 5.89 23.19
CA ILE B 29 -4.48 6.49 22.86
C ILE B 29 -4.29 7.47 21.70
N ILE B 30 -5.04 7.27 20.62
CA ILE B 30 -4.92 8.17 19.48
C ILE B 30 -6.26 8.68 19.01
N ASN B 31 -6.28 9.90 18.50
CA ASN B 31 -7.47 10.47 17.91
C ASN B 31 -7.90 9.69 16.67
N TYR B 32 -9.18 9.31 16.63
CA TYR B 32 -9.72 8.46 15.58
C TYR B 32 -9.30 8.87 14.15
N ARG B 33 -8.95 10.13 13.96
CA ARG B 33 -8.54 10.56 12.64
C ARG B 33 -7.18 9.99 12.26
N ASP B 34 -6.35 9.79 13.28
CA ASP B 34 -5.08 9.15 13.06
C ASP B 34 -5.24 7.63 13.08
N GLY B 35 -6.48 7.15 13.01
CA GLY B 35 -6.74 5.74 13.15
C GLY B 35 -6.23 4.85 12.03
N MET B 36 -6.14 5.42 10.83
CA MET B 36 -5.84 4.67 9.61
C MET B 36 -4.75 3.59 9.70
N GLY B 37 -5.14 2.35 9.42
CA GLY B 37 -4.20 1.23 9.38
C GLY B 37 -3.73 0.72 10.73
N ARG B 38 -4.53 0.96 11.76
CA ARG B 38 -4.15 0.62 13.11
C ARG B 38 -5.01 -0.53 13.63
N VAL B 39 -4.61 -1.11 14.75
CA VAL B 39 -5.41 -2.16 15.40
C VAL B 39 -5.95 -1.72 16.77
N LEU B 40 -7.26 -1.92 16.95
CA LEU B 40 -7.96 -1.58 18.17
C LEU B 40 -7.54 -2.41 19.38
N ALA B 41 -7.03 -1.74 20.40
CA ALA B 41 -6.70 -2.38 21.67
C ALA B 41 -7.82 -2.17 22.68
N GLN B 42 -9.04 -2.02 22.17
CA GLN B 42 -10.23 -1.88 22.97
C GLN B 42 -11.43 -2.29 22.15
N ASP B 43 -12.52 -2.66 22.83
CA ASP B 43 -13.79 -2.85 22.15
C ASP B 43 -14.39 -1.48 22.08
N VAL B 44 -15.29 -1.26 21.14
CA VAL B 44 -15.87 0.06 20.99
C VAL B 44 -17.36 -0.12 20.90
N TYR B 45 -18.06 0.53 21.84
CA TYR B 45 -19.50 0.37 22.02
C TYR B 45 -20.23 1.68 21.75
N ALA B 46 -21.41 1.54 21.16
CA ALA B 46 -22.30 2.66 20.83
C ALA B 46 -22.71 3.47 22.06
N LYS B 47 -22.68 4.80 21.93
CA LYS B 47 -22.96 5.66 23.07
C LYS B 47 -24.44 5.96 23.16
N ASP B 48 -25.10 5.92 22.00
CA ASP B 48 -26.52 6.23 21.87
C ASP B 48 -27.01 5.48 20.64
N ASN B 49 -28.31 5.32 20.51
CA ASN B 49 -28.91 4.76 19.32
C ASN B 49 -28.48 5.48 18.04
N LEU B 50 -28.76 4.85 16.90
CA LEU B 50 -28.55 5.43 15.61
C LEU B 50 -29.43 4.68 14.63
N PRO B 51 -30.41 5.36 14.05
CA PRO B 51 -30.61 6.81 14.26
C PRO B 51 -31.26 7.08 15.60
N PRO B 52 -30.92 8.19 16.25
CA PRO B 52 -31.49 8.54 17.56
C PRO B 52 -32.96 8.97 17.48
N PHE B 53 -33.50 9.00 16.28
CA PHE B 53 -34.91 9.36 16.09
C PHE B 53 -35.43 8.62 14.89
N PRO B 54 -36.73 8.33 14.84
CA PRO B 54 -37.32 7.68 13.67
C PRO B 54 -37.09 8.59 12.47
N ALA B 55 -36.29 8.12 11.51
CA ALA B 55 -35.96 8.95 10.35
C ALA B 55 -36.76 8.56 9.10
N SER B 56 -36.98 9.54 8.24
CA SER B 56 -37.76 9.32 7.03
C SER B 56 -36.93 8.75 5.89
N VAL B 57 -37.35 7.58 5.43
CA VAL B 57 -36.74 6.95 4.26
C VAL B 57 -37.10 7.74 3.01
N LYS B 58 -38.36 8.18 2.93
CA LYS B 58 -38.82 9.01 1.82
C LYS B 58 -39.08 10.45 2.28
N ASP B 59 -39.31 11.35 1.32
CA ASP B 59 -39.67 12.74 1.62
C ASP B 59 -41.01 13.14 1.02
N GLY B 60 -41.96 13.47 1.89
CA GLY B 60 -43.31 13.84 1.48
C GLY B 60 -44.14 14.31 2.65
N TYR B 61 -44.81 13.37 3.31
CA TYR B 61 -45.77 13.69 4.37
C TYR B 61 -45.84 12.61 5.46
N ALA B 62 -45.52 13.01 6.69
CA ALA B 62 -45.63 12.12 7.83
C ALA B 62 -47.09 12.04 8.26
N VAL B 63 -47.62 10.82 8.33
CA VAL B 63 -49.07 10.60 8.47
C VAL B 63 -49.46 9.62 9.56
N ARG B 64 -50.67 9.78 10.08
CA ARG B 64 -51.28 8.83 11.01
C ARG B 64 -51.98 7.71 10.22
N ALA B 65 -51.73 6.47 10.63
CA ALA B 65 -52.33 5.29 10.00
C ALA B 65 -53.83 5.20 10.27
N ALA B 66 -54.20 5.48 11.52
CA ALA B 66 -55.60 5.45 11.95
C ALA B 66 -56.41 6.61 11.38
N ASP B 67 -55.73 7.58 10.76
CA ASP B 67 -56.39 8.69 10.10
C ASP B 67 -56.68 8.36 8.63
N GLY B 68 -55.93 7.40 8.09
CA GLY B 68 -56.16 6.87 6.76
C GLY B 68 -56.04 7.88 5.63
N PRO B 69 -56.82 7.67 4.55
CA PRO B 69 -56.77 8.52 3.35
C PRO B 69 -57.38 9.92 3.55
N GLY B 70 -57.63 10.61 2.45
CA GLY B 70 -58.33 11.89 2.47
C GLY B 70 -57.44 13.12 2.45
N ASP B 71 -58.08 14.28 2.34
CA ASP B 71 -57.39 15.57 2.32
C ASP B 71 -57.30 16.15 3.73
N ARG B 72 -56.09 16.48 4.17
CA ARG B 72 -55.85 16.96 5.53
C ARG B 72 -55.04 18.28 5.54
N PHE B 73 -55.20 19.05 6.63
CA PHE B 73 -54.51 20.33 6.81
C PHE B 73 -53.14 20.17 7.49
N ILE B 74 -52.12 20.87 6.97
CA ILE B 74 -50.74 20.80 7.47
C ILE B 74 -50.45 21.89 8.50
N ILE B 75 -49.76 21.52 9.59
CA ILE B 75 -49.40 22.48 10.64
C ILE B 75 -47.91 22.85 10.67
N GLY B 76 -47.16 22.48 9.64
CA GLY B 76 -45.77 22.88 9.55
C GLY B 76 -44.89 21.94 8.74
N GLU B 77 -43.58 22.09 8.95
CA GLU B 77 -42.57 21.31 8.25
C GLU B 77 -41.64 20.64 9.26
N SER B 78 -41.03 19.54 8.84
CA SER B 78 -39.87 18.98 9.54
C SER B 78 -38.69 18.88 8.56
N GLN B 79 -37.64 19.62 8.87
CA GLN B 79 -36.46 19.62 8.01
C GLN B 79 -35.31 18.91 8.71
N ALA B 80 -34.58 18.12 7.94
CA ALA B 80 -33.47 17.32 8.42
C ALA B 80 -32.94 17.77 9.77
N GLY B 81 -32.43 18.99 9.82
CA GLY B 81 -31.64 19.49 10.95
C GLY B 81 -32.24 19.45 12.34
N GLU B 82 -33.45 19.98 12.50
CA GLU B 82 -34.03 20.15 13.83
C GLU B 82 -35.22 19.24 14.11
N GLN B 83 -35.31 18.85 15.37
CA GLN B 83 -36.41 18.05 15.88
C GLN B 83 -37.63 18.95 16.08
N PRO B 84 -38.77 18.55 15.50
CA PRO B 84 -40.00 19.37 15.50
C PRO B 84 -40.55 19.73 16.88
N THR B 85 -41.08 20.94 16.97
CA THR B 85 -41.78 21.40 18.16
C THR B 85 -43.24 20.97 18.05
N GLN B 86 -43.81 21.18 16.87
CA GLN B 86 -45.23 20.93 16.61
C GLN B 86 -45.57 19.45 16.74
N THR B 87 -46.75 19.18 17.30
CA THR B 87 -47.19 17.80 17.57
C THR B 87 -48.44 17.41 16.77
N VAL B 88 -48.31 16.37 15.95
CA VAL B 88 -49.39 15.92 15.07
C VAL B 88 -50.56 15.30 15.86
N MET B 89 -51.77 15.83 15.64
CA MET B 89 -52.99 15.34 16.27
C MET B 89 -53.97 14.83 15.21
N PRO B 90 -54.91 13.94 15.59
CA PRO B 90 -55.84 13.32 14.64
C PRO B 90 -56.54 14.30 13.68
N GLY B 91 -56.16 14.22 12.41
CA GLY B 91 -56.71 15.09 11.37
C GLY B 91 -55.70 15.98 10.68
N GLN B 92 -54.43 15.91 11.10
CA GLN B 92 -53.39 16.79 10.57
C GLN B 92 -52.37 16.06 9.70
N VAL B 93 -51.23 16.70 9.45
CA VAL B 93 -50.13 16.13 8.65
C VAL B 93 -48.89 17.06 8.70
N MET B 94 -47.72 16.53 8.38
CA MET B 94 -46.48 17.31 8.34
C MET B 94 -45.59 16.96 7.15
N ARG B 95 -44.96 17.99 6.55
CA ARG B 95 -44.04 17.81 5.43
C ARG B 95 -42.69 17.27 5.92
N VAL B 96 -42.07 16.38 5.14
CA VAL B 96 -40.77 15.82 5.50
C VAL B 96 -39.69 15.84 4.39
N THR B 97 -38.53 15.32 4.74
CA THR B 97 -37.38 15.20 3.87
C THR B 97 -36.71 13.88 4.22
N THR B 98 -36.03 13.27 3.26
CA THR B 98 -35.30 12.03 3.52
C THR B 98 -34.27 12.29 4.61
N GLY B 99 -34.51 11.72 5.78
CA GLY B 99 -33.63 11.89 6.93
C GLY B 99 -34.15 12.87 7.97
N ALA B 100 -35.28 13.51 7.65
CA ALA B 100 -35.95 14.39 8.58
C ALA B 100 -36.72 13.58 9.62
N PRO B 101 -36.60 13.98 10.90
CA PRO B 101 -37.30 13.32 12.01
C PRO B 101 -38.81 13.31 11.87
N ILE B 102 -39.42 12.19 12.21
CA ILE B 102 -40.88 12.05 12.18
C ILE B 102 -41.54 12.70 13.41
N PRO B 103 -42.59 13.49 13.19
CA PRO B 103 -43.08 14.44 14.21
C PRO B 103 -44.00 13.78 15.25
N CYS B 104 -43.74 14.10 16.51
CA CYS B 104 -44.40 13.44 17.66
C CYS B 104 -45.91 13.32 17.50
N GLY B 105 -46.34 12.21 16.89
CA GLY B 105 -47.74 11.94 16.64
C GLY B 105 -48.00 11.18 15.35
N ALA B 106 -46.97 11.08 14.51
CA ALA B 106 -47.07 10.43 13.21
C ALA B 106 -46.78 8.93 13.24
N ASP B 107 -47.48 8.18 12.38
CA ASP B 107 -47.36 6.73 12.34
C ASP B 107 -46.48 6.25 11.19
N ALA B 108 -46.66 6.87 10.02
CA ALA B 108 -45.94 6.47 8.79
C ALA B 108 -45.71 7.66 7.84
N VAL B 109 -45.23 7.38 6.62
CA VAL B 109 -44.88 8.40 5.63
C VAL B 109 -45.41 8.12 4.21
N VAL B 110 -45.39 9.14 3.34
CA VAL B 110 -45.88 9.01 1.96
C VAL B 110 -44.82 9.23 0.86
N GLN B 111 -44.91 8.45 -0.22
CA GLN B 111 -43.96 8.48 -1.33
C GLN B 111 -44.14 9.71 -2.25
N VAL B 112 -43.61 9.60 -3.48
CA VAL B 112 -43.51 10.75 -4.41
C VAL B 112 -44.77 11.02 -5.25
N GLU B 113 -44.99 10.24 -6.30
CA GLU B 113 -46.16 10.41 -7.18
C GLU B 113 -47.44 9.94 -6.51
N ASP B 114 -47.40 9.87 -5.18
CA ASP B 114 -48.50 9.37 -4.36
C ASP B 114 -49.12 10.51 -3.54
N THR B 115 -49.00 11.73 -4.06
CA THR B 115 -49.55 12.93 -3.44
C THR B 115 -49.99 13.95 -4.50
N VAL B 130 -53.86 19.59 1.05
CA VAL B 130 -52.90 18.49 0.76
C VAL B 130 -53.56 17.29 0.07
N ARG B 131 -53.29 17.16 -1.23
CA ARG B 131 -53.81 16.06 -2.04
C ARG B 131 -53.14 14.73 -1.67
N ILE B 132 -53.94 13.68 -1.54
CA ILE B 132 -53.45 12.37 -1.09
C ILE B 132 -53.92 11.19 -1.95
N LEU B 133 -52.98 10.60 -2.68
CA LEU B 133 -53.22 9.33 -3.39
C LEU B 133 -52.73 8.20 -2.49
N VAL B 134 -53.68 7.44 -1.93
CA VAL B 134 -53.40 6.56 -0.79
C VAL B 134 -53.75 5.09 -0.95
N GLN B 135 -52.98 4.25 -0.24
CA GLN B 135 -53.30 2.85 0.04
C GLN B 135 -52.49 2.43 1.27
N ALA B 136 -52.90 2.94 2.44
CA ALA B 136 -52.12 2.94 3.68
C ALA B 136 -51.50 1.61 4.14
N ARG B 137 -50.34 1.72 4.81
CA ARG B 137 -49.61 0.58 5.40
C ARG B 137 -48.59 1.08 6.46
N PRO B 138 -48.93 0.96 7.75
CA PRO B 138 -48.09 1.48 8.86
C PRO B 138 -46.60 1.11 8.80
N GLY B 139 -45.76 2.00 9.31
CA GLY B 139 -44.32 1.85 9.22
C GLY B 139 -43.77 2.18 7.84
N GLN B 140 -44.62 2.77 6.99
CA GLN B 140 -44.29 3.05 5.59
C GLN B 140 -43.04 3.91 5.49
N ASP B 141 -41.93 3.27 5.13
CA ASP B 141 -40.67 3.95 4.85
C ASP B 141 -40.23 4.90 5.99
N ILE B 142 -40.08 4.32 7.18
CA ILE B 142 -39.53 5.05 8.32
C ILE B 142 -38.33 4.27 8.86
N ARG B 143 -37.22 4.96 9.07
CA ARG B 143 -36.05 4.34 9.71
C ARG B 143 -36.24 4.38 11.23
N PRO B 144 -36.55 3.23 11.83
CA PRO B 144 -36.87 3.14 13.26
C PRO B 144 -35.69 3.46 14.16
N ILE B 145 -35.98 4.10 15.28
CA ILE B 145 -34.94 4.55 16.18
C ILE B 145 -34.13 3.35 16.62
N GLY B 146 -32.81 3.47 16.46
CA GLY B 146 -31.87 2.42 16.80
C GLY B 146 -31.84 1.27 15.81
N HIS B 147 -32.20 1.55 14.56
CA HIS B 147 -32.33 0.49 13.56
C HIS B 147 -31.01 0.01 13.01
N ASP B 148 -30.06 0.93 12.85
CA ASP B 148 -28.73 0.58 12.43
C ASP B 148 -27.93 0.15 13.62
N ILE B 149 -27.82 1.01 14.63
CA ILE B 149 -27.03 0.67 15.81
C ILE B 149 -27.76 1.03 17.08
N LYS B 150 -27.79 0.09 18.03
CA LYS B 150 -28.43 0.30 19.32
C LYS B 150 -27.43 0.73 20.38
N ARG B 151 -27.82 1.74 21.17
CA ARG B 151 -27.03 2.19 22.32
C ARG B 151 -26.41 1.02 23.03
N GLY B 152 -25.09 1.04 23.19
CA GLY B 152 -24.41 0.03 23.99
C GLY B 152 -24.02 -1.23 23.27
N GLU B 153 -24.42 -1.40 22.02
CA GLU B 153 -23.96 -2.55 21.25
C GLU B 153 -22.50 -2.33 20.88
N CYS B 154 -21.74 -3.42 20.79
CA CYS B 154 -20.36 -3.35 20.33
C CYS B 154 -20.34 -3.15 18.83
N VAL B 155 -19.53 -2.21 18.36
CA VAL B 155 -19.49 -1.88 16.95
C VAL B 155 -18.17 -2.24 16.28
N LEU B 156 -17.10 -2.21 17.08
CA LEU B 156 -15.78 -2.64 16.62
C LEU B 156 -15.10 -3.47 17.68
N ALA B 157 -14.73 -4.69 17.31
CA ALA B 157 -14.18 -5.63 18.25
C ALA B 157 -12.71 -5.36 18.49
N LYS B 158 -12.27 -5.59 19.71
CA LYS B 158 -10.86 -5.52 20.05
C LYS B 158 -10.03 -6.34 19.04
N GLY B 159 -8.97 -5.74 18.51
CA GLY B 159 -8.12 -6.44 17.57
C GLY B 159 -8.38 -6.11 16.12
N THR B 160 -9.44 -5.34 15.85
CA THR B 160 -9.76 -4.97 14.48
C THR B 160 -8.70 -4.09 13.86
N HIS B 161 -8.34 -4.44 12.64
CA HIS B 161 -7.44 -3.63 11.84
C HIS B 161 -8.23 -2.61 11.04
N MET B 162 -8.12 -1.34 11.44
CA MET B 162 -9.03 -0.29 10.98
C MET B 162 -8.83 0.21 9.57
N GLY B 163 -9.88 0.14 8.77
CA GLY B 163 -9.86 0.77 7.46
C GLY B 163 -10.57 2.11 7.51
N PRO B 164 -10.55 2.87 6.42
CA PRO B 164 -11.38 4.06 6.32
C PRO B 164 -12.81 3.80 6.82
N SER B 165 -13.42 2.72 6.34
CA SER B 165 -14.78 2.41 6.73
C SER B 165 -14.93 2.35 8.25
N GLU B 166 -13.88 1.92 8.92
CA GLU B 166 -13.91 1.79 10.37
C GLU B 166 -13.87 3.16 11.05
N ILE B 167 -13.01 4.04 10.57
CA ILE B 167 -12.99 5.40 11.06
C ILE B 167 -14.41 5.97 10.96
N GLY B 168 -15.03 5.78 9.79
CA GLY B 168 -16.43 6.13 9.62
C GLY B 168 -17.25 5.74 10.84
N LEU B 169 -17.24 4.45 11.13
CA LEU B 169 -17.86 3.93 12.32
C LEU B 169 -17.45 4.72 13.54
N LEU B 170 -16.17 4.66 13.89
CA LEU B 170 -15.65 5.39 15.04
C LEU B 170 -16.24 6.79 15.17
N ALA B 171 -16.39 7.46 14.04
CA ALA B 171 -16.97 8.78 14.00
C ALA B 171 -18.44 8.67 14.34
N THR B 172 -19.19 7.94 13.52
CA THR B 172 -20.62 7.72 13.75
C THR B 172 -20.94 7.61 15.23
N VAL B 173 -20.37 6.60 15.85
CA VAL B 173 -20.57 6.27 17.25
C VAL B 173 -20.18 7.41 18.21
N GLY B 174 -19.22 8.23 17.79
CA GLY B 174 -18.77 9.36 18.57
C GLY B 174 -17.56 9.10 19.44
N VAL B 175 -16.97 7.91 19.29
CA VAL B 175 -15.71 7.58 19.96
C VAL B 175 -14.53 8.20 19.21
N THR B 176 -13.84 9.12 19.89
CA THR B 176 -12.88 9.98 19.22
C THR B 176 -11.44 9.72 19.61
N GLU B 177 -11.24 9.04 20.72
CA GLU B 177 -9.91 8.64 21.09
C GLU B 177 -9.97 7.17 21.46
N VAL B 178 -9.25 6.35 20.71
CA VAL B 178 -9.27 4.91 20.94
C VAL B 178 -7.92 4.38 21.40
N GLU B 179 -7.95 3.26 22.13
CA GLU B 179 -6.74 2.54 22.49
C GLU B 179 -6.35 1.64 21.33
N VAL B 180 -5.12 1.80 20.87
CA VAL B 180 -4.59 1.04 19.74
C VAL B 180 -3.14 0.66 20.03
N ASN B 181 -2.70 -0.51 19.54
CA ASN B 181 -1.30 -0.90 19.65
C ASN B 181 -0.48 0.13 18.90
N LYS B 182 0.69 0.46 19.42
CA LYS B 182 1.56 1.44 18.78
C LYS B 182 2.28 0.87 17.58
N PHE B 183 2.44 1.70 16.54
CA PHE B 183 3.35 1.36 15.44
C PHE B 183 4.80 1.33 15.95
N PRO B 184 5.58 0.41 15.41
CA PRO B 184 6.99 0.29 15.80
C PRO B 184 7.82 1.26 14.98
N VAL B 185 8.64 2.08 15.62
CA VAL B 185 9.58 2.92 14.89
C VAL B 185 10.74 2.06 14.44
N VAL B 186 11.07 2.13 13.14
CA VAL B 186 12.09 1.29 12.53
C VAL B 186 13.30 2.07 12.07
N ALA B 187 14.47 1.72 12.60
CA ALA B 187 15.71 2.40 12.24
C ALA B 187 16.46 1.60 11.19
N VAL B 188 16.97 2.28 10.16
CA VAL B 188 17.61 1.59 9.06
C VAL B 188 18.98 2.19 8.77
N MET B 189 19.98 1.34 8.58
CA MET B 189 21.34 1.77 8.27
C MET B 189 21.94 0.94 7.15
N SER B 190 23.08 1.37 6.62
CA SER B 190 23.80 0.54 5.67
C SER B 190 25.28 0.48 5.98
N THR B 191 25.82 -0.73 6.00
CA THR B 191 27.24 -0.92 6.28
C THR B 191 28.05 -1.14 5.02
N GLY B 192 29.23 -0.53 5.00
CA GLY B 192 30.17 -0.71 3.92
C GLY B 192 30.99 0.54 3.68
N ASN B 193 32.30 0.35 3.54
CA ASN B 193 33.22 1.45 3.25
C ASN B 193 33.15 1.88 1.79
N GLU B 194 32.40 1.12 0.99
CA GLU B 194 32.33 1.35 -0.43
C GLU B 194 31.12 2.17 -0.86
N LEU B 195 30.39 2.71 0.11
CA LEU B 195 29.16 3.42 -0.23
C LEU B 195 29.23 4.94 -0.12
N LEU B 196 28.60 5.63 -1.07
CA LEU B 196 28.36 7.07 -0.98
C LEU B 196 26.87 7.42 -1.00
N ASN B 197 26.52 8.59 -0.48
CA ASN B 197 25.16 9.09 -0.58
C ASN B 197 24.82 9.40 -2.03
N PRO B 198 23.67 8.91 -2.49
CA PRO B 198 23.31 8.95 -3.91
C PRO B 198 23.42 10.36 -4.51
N GLU B 199 23.30 11.37 -3.64
CA GLU B 199 23.57 12.77 -4.00
C GLU B 199 25.02 12.87 -4.46
N ASP B 200 25.92 12.70 -3.50
CA ASP B 200 27.37 12.85 -3.71
C ASP B 200 27.83 12.25 -5.03
N ASP B 201 28.61 13.03 -5.78
CA ASP B 201 29.16 12.58 -7.07
C ASP B 201 29.97 11.32 -6.86
N LEU B 202 29.77 10.34 -7.73
CA LEU B 202 30.47 9.07 -7.62
C LEU B 202 31.99 9.28 -7.64
N LEU B 203 32.60 9.08 -6.49
CA LEU B 203 34.05 9.08 -6.38
C LEU B 203 34.57 7.74 -6.89
N PRO B 204 35.88 7.57 -7.02
CA PRO B 204 36.45 6.30 -7.49
C PRO B 204 36.15 5.16 -6.50
N GLY B 205 36.08 3.93 -7.02
CA GLY B 205 35.99 2.74 -6.19
C GLY B 205 34.77 2.63 -5.29
N LYS B 206 33.90 3.63 -5.38
CA LYS B 206 32.69 3.62 -4.60
C LYS B 206 31.48 3.36 -5.48
N ILE B 207 30.54 2.62 -4.92
CA ILE B 207 29.19 2.53 -5.46
C ILE B 207 28.31 3.43 -4.59
N ARG B 208 27.09 3.69 -5.04
CA ARG B 208 26.16 4.51 -4.26
C ARG B 208 25.39 3.61 -3.30
N ASP B 209 24.79 4.18 -2.27
CA ASP B 209 24.06 3.38 -1.31
C ASP B 209 22.63 3.22 -1.73
N SER B 210 22.31 2.04 -2.26
CA SER B 210 21.03 1.82 -2.89
C SER B 210 19.91 1.41 -1.90
N ASN B 211 20.20 0.41 -1.07
CA ASN B 211 19.22 -0.23 -0.20
C ASN B 211 18.49 0.67 0.79
N ARG B 212 19.25 1.44 1.55
CA ARG B 212 18.65 2.31 2.58
C ARG B 212 17.41 3.05 2.02
N SER B 213 17.52 3.52 0.78
CA SER B 213 16.42 4.24 0.12
C SER B 213 15.26 3.30 -0.03
N THR B 214 15.53 2.14 -0.62
CA THR B 214 14.51 1.14 -0.91
C THR B 214 13.84 0.64 0.34
N LEU B 215 14.64 0.31 1.34
CA LEU B 215 14.10 -0.16 2.62
C LEU B 215 13.28 0.89 3.37
N LEU B 216 13.79 2.11 3.47
CA LEU B 216 13.04 3.11 4.18
C LEU B 216 11.70 3.29 3.48
N ALA B 217 11.75 3.32 2.15
CA ALA B 217 10.54 3.41 1.30
C ALA B 217 9.61 2.20 1.45
N THR B 218 10.22 1.02 1.54
CA THR B 218 9.45 -0.18 1.61
C THR B 218 8.67 -0.21 2.88
N ILE B 219 9.26 0.25 3.99
CA ILE B 219 8.52 0.19 5.25
C ILE B 219 7.57 1.35 5.41
N GLN B 220 7.92 2.52 4.86
CA GLN B 220 6.99 3.65 4.92
C GLN B 220 5.75 3.41 4.12
N GLU B 221 5.88 2.60 3.08
CA GLU B 221 4.74 2.22 2.25
C GLU B 221 3.67 1.63 3.14
N HIS B 222 4.11 1.02 4.23
CA HIS B 222 3.24 0.45 5.24
C HIS B 222 2.88 1.46 6.31
N GLY B 223 3.64 2.54 6.38
CA GLY B 223 3.27 3.65 7.24
C GLY B 223 3.74 3.50 8.68
N TYR B 224 4.86 2.83 8.82
CA TYR B 224 5.59 2.80 10.07
C TYR B 224 6.59 3.95 10.07
N PRO B 225 6.93 4.46 11.25
CA PRO B 225 7.93 5.52 11.38
C PRO B 225 9.35 5.04 11.10
N THR B 226 10.13 5.84 10.41
CA THR B 226 11.48 5.43 10.01
C THR B 226 12.51 6.26 10.73
N ILE B 227 13.67 5.68 10.97
CA ILE B 227 14.80 6.43 11.48
C ILE B 227 16.03 6.14 10.63
N ASN B 228 16.44 7.13 9.85
CA ASN B 228 17.56 6.97 8.92
C ASN B 228 18.90 7.08 9.61
N LEU B 229 19.61 5.97 9.70
CA LEU B 229 20.88 5.93 10.42
C LEU B 229 22.09 6.14 9.50
N GLY B 230 21.82 6.31 8.22
CA GLY B 230 22.85 6.61 7.24
C GLY B 230 23.81 5.48 6.96
N ILE B 231 24.92 5.84 6.29
CA ILE B 231 25.98 4.89 5.97
C ILE B 231 26.95 4.76 7.11
N VAL B 232 27.25 3.51 7.49
CA VAL B 232 28.25 3.21 8.53
C VAL B 232 29.25 2.19 8.00
N GLY B 233 30.52 2.44 8.29
CA GLY B 233 31.62 1.67 7.73
C GLY B 233 31.68 0.24 8.20
N ASP B 234 32.41 -0.60 7.46
CA ASP B 234 32.59 -1.98 7.86
C ASP B 234 33.71 -2.12 8.90
N ASN B 235 33.41 -1.66 10.11
CA ASN B 235 34.33 -1.72 11.23
C ASN B 235 33.56 -1.75 12.55
N PRO B 236 33.96 -2.64 13.46
CA PRO B 236 33.26 -2.85 14.74
C PRO B 236 32.94 -1.59 15.54
N ASP B 237 33.84 -0.62 15.56
CA ASP B 237 33.62 0.58 16.36
C ASP B 237 32.38 1.36 15.93
N ASP B 238 32.44 1.93 14.73
CA ASP B 238 31.35 2.74 14.19
C ASP B 238 30.09 1.90 14.00
N LEU B 239 30.30 0.61 13.74
CA LEU B 239 29.24 -0.40 13.61
C LEU B 239 28.37 -0.45 14.85
N LEU B 240 28.98 -0.71 16.00
CA LEU B 240 28.24 -0.72 17.25
C LEU B 240 27.64 0.64 17.55
N ASN B 241 28.42 1.71 17.43
CA ASN B 241 27.93 3.04 17.76
C ASN B 241 26.63 3.38 17.06
N ALA B 242 26.46 2.87 15.84
CA ALA B 242 25.19 2.92 15.11
C ALA B 242 24.15 2.08 15.82
N LEU B 243 24.33 0.76 15.80
CA LEU B 243 23.45 -0.18 16.49
C LEU B 243 22.93 0.37 17.82
N ASN B 244 23.79 1.08 18.53
CA ASN B 244 23.43 1.74 19.77
C ASN B 244 22.36 2.81 19.59
N GLU B 245 22.66 3.83 18.78
CA GLU B 245 21.68 4.85 18.44
C GLU B 245 20.39 4.15 18.04
N GLY B 246 20.53 3.07 17.26
CA GLY B 246 19.43 2.26 16.80
C GLY B 246 18.54 1.87 17.95
N ILE B 247 19.03 0.98 18.82
CA ILE B 247 18.26 0.53 19.98
C ILE B 247 17.72 1.68 20.82
N SER B 248 18.51 2.74 20.97
CA SER B 248 18.08 3.86 21.79
C SER B 248 16.91 4.61 21.17
N ARG B 249 16.85 4.62 19.84
CA ARG B 249 15.90 5.45 19.12
C ARG B 249 14.63 4.74 18.61
N ALA B 250 14.73 3.42 18.42
CA ALA B 250 13.73 2.68 17.67
C ALA B 250 13.43 1.33 18.29
N ASP B 251 12.51 0.61 17.66
CA ASP B 251 12.09 -0.69 18.15
C ASP B 251 12.63 -1.81 17.29
N VAL B 252 12.94 -1.50 16.03
CA VAL B 252 13.54 -2.45 15.10
C VAL B 252 14.74 -1.81 14.41
N ILE B 253 15.89 -2.48 14.40
CA ILE B 253 17.00 -1.98 13.60
C ILE B 253 17.19 -2.85 12.37
N ILE B 254 17.24 -2.22 11.21
CA ILE B 254 17.55 -2.96 10.00
C ILE B 254 18.90 -2.54 9.46
N THR B 255 19.70 -3.55 9.09
CA THR B 255 21.05 -3.36 8.58
C THR B 255 21.16 -4.03 7.23
N SER B 256 21.58 -3.24 6.25
CA SER B 256 21.80 -3.73 4.91
C SER B 256 23.28 -3.63 4.59
N GLY B 257 24.00 -4.73 4.75
CA GLY B 257 25.42 -4.69 4.53
C GLY B 257 26.07 -6.03 4.31
N GLY B 258 26.32 -6.34 3.02
CA GLY B 258 26.81 -7.63 2.56
C GLY B 258 27.81 -8.32 3.48
N VAL B 259 27.30 -9.24 4.31
CA VAL B 259 28.09 -9.94 5.32
C VAL B 259 28.05 -11.47 5.11
N SER B 260 28.76 -11.95 4.10
CA SER B 260 28.70 -13.36 3.71
C SER B 260 30.00 -14.16 3.93
N MET B 261 31.14 -13.62 3.50
CA MET B 261 32.39 -14.36 3.58
C MET B 261 33.55 -13.49 4.11
N GLY B 262 34.47 -14.14 4.81
CA GLY B 262 35.68 -13.50 5.31
C GLY B 262 35.45 -12.61 6.53
N GLU B 263 34.47 -11.71 6.41
CA GLU B 263 34.17 -10.73 7.43
C GLU B 263 32.66 -10.67 7.76
N LYS B 264 31.96 -11.77 7.46
CA LYS B 264 30.53 -11.96 7.80
C LYS B 264 30.31 -11.75 9.30
N ASP B 265 31.30 -12.17 10.08
CA ASP B 265 31.30 -12.03 11.51
C ASP B 265 31.30 -10.56 11.93
N TYR B 266 32.02 -9.69 11.21
CA TYR B 266 32.21 -8.31 11.71
C TYR B 266 30.96 -7.77 12.38
N LEU B 267 29.83 -7.83 11.68
CA LEU B 267 28.55 -7.40 12.25
C LEU B 267 28.09 -8.38 13.33
N LYS B 268 27.93 -9.65 12.97
CA LYS B 268 27.49 -10.68 13.91
C LYS B 268 28.29 -10.67 15.22
N GLN B 269 29.60 -10.45 15.11
CA GLN B 269 30.51 -10.38 16.25
C GLN B 269 30.05 -9.30 17.22
N VAL B 270 29.61 -8.18 16.67
CA VAL B 270 29.25 -7.03 17.49
C VAL B 270 27.95 -7.27 18.27
N LEU B 271 26.96 -7.88 17.62
CA LEU B 271 25.71 -8.22 18.31
C LEU B 271 25.98 -9.28 19.37
N ASP B 272 26.70 -10.31 18.96
CA ASP B 272 26.96 -11.51 19.74
C ASP B 272 27.77 -11.26 21.00
N ILE B 273 28.59 -10.21 20.97
CA ILE B 273 29.61 -10.00 22.00
C ILE B 273 29.46 -8.67 22.73
N ASP B 274 29.45 -7.59 21.96
CA ASP B 274 29.39 -6.24 22.51
C ASP B 274 27.98 -5.90 22.96
N LEU B 275 27.00 -6.31 22.16
CA LEU B 275 25.60 -6.01 22.43
C LEU B 275 24.96 -7.08 23.29
N HIS B 276 25.55 -8.26 23.28
CA HIS B 276 24.99 -9.43 23.94
C HIS B 276 23.58 -9.70 23.42
N ALA B 277 23.48 -9.74 22.09
CA ALA B 277 22.25 -10.06 21.41
C ALA B 277 22.25 -11.55 21.13
N GLN B 278 21.08 -12.10 20.83
CA GLN B 278 20.96 -13.53 20.53
C GLN B 278 20.57 -13.73 19.08
N ILE B 279 21.53 -14.14 18.26
CA ILE B 279 21.23 -14.45 16.87
C ILE B 279 20.42 -15.73 16.82
N HIS B 280 19.23 -15.64 16.23
CA HIS B 280 18.33 -16.79 16.14
C HIS B 280 18.64 -17.61 14.92
N PHE B 281 19.07 -16.94 13.85
CA PHE B 281 19.61 -17.60 12.67
C PHE B 281 20.49 -16.66 11.88
N GLY B 282 21.45 -17.24 11.16
CA GLY B 282 22.48 -16.47 10.50
C GLY B 282 22.59 -16.76 9.03
N ARG B 283 22.08 -17.92 8.62
CA ARG B 283 21.98 -18.23 7.21
C ARG B 283 20.66 -18.92 6.99
N VAL B 284 20.13 -18.78 5.78
CA VAL B 284 18.86 -19.42 5.46
C VAL B 284 18.85 -19.97 4.02
N PHE B 285 18.24 -21.16 3.87
CA PHE B 285 18.18 -21.88 2.60
C PHE B 285 17.14 -21.25 1.70
N MET B 286 17.53 -20.17 1.03
CA MET B 286 16.64 -19.41 0.15
C MET B 286 17.44 -18.65 -0.90
N LYS B 287 16.81 -18.41 -2.05
CA LYS B 287 17.39 -17.58 -3.09
C LYS B 287 16.40 -16.47 -3.45
N PRO B 288 16.82 -15.21 -3.30
CA PRO B 288 18.15 -14.86 -2.79
C PRO B 288 18.12 -14.63 -1.28
N GLY B 289 19.25 -14.23 -0.71
CA GLY B 289 19.30 -13.86 0.69
C GLY B 289 19.74 -14.95 1.65
N LEU B 290 20.65 -15.80 1.20
CA LEU B 290 21.25 -16.83 2.04
C LEU B 290 21.81 -16.29 3.37
N PRO B 291 22.59 -15.21 3.34
CA PRO B 291 23.21 -14.66 4.54
C PRO B 291 22.32 -13.86 5.49
N THR B 292 21.00 -13.93 5.35
CA THR B 292 20.10 -13.14 6.18
C THR B 292 20.24 -13.41 7.67
N THR B 293 20.11 -12.39 8.50
CA THR B 293 20.37 -12.54 9.93
C THR B 293 19.32 -11.90 10.82
N PHE B 294 18.62 -12.72 11.58
CA PHE B 294 17.67 -12.24 12.58
C PHE B 294 18.37 -12.09 13.90
N ALA B 295 17.77 -11.42 14.87
CA ALA B 295 18.37 -11.28 16.21
C ALA B 295 17.41 -10.55 17.15
N THR B 296 17.51 -10.87 18.43
CA THR B 296 16.73 -10.15 19.45
C THR B 296 17.64 -9.65 20.55
N LEU B 297 17.17 -8.63 21.26
CA LEU B 297 17.92 -7.99 22.33
C LEU B 297 16.95 -7.42 23.34
N ASP B 298 17.12 -7.80 24.60
CA ASP B 298 16.22 -7.37 25.66
C ASP B 298 16.91 -6.39 26.57
N ILE B 299 16.49 -5.13 26.52
CA ILE B 299 17.06 -4.13 27.40
C ILE B 299 15.98 -3.56 28.27
N ASP B 300 15.98 -4.02 29.52
CA ASP B 300 14.96 -3.65 30.50
C ASP B 300 13.57 -3.99 29.98
N GLY B 301 13.28 -5.29 29.98
CA GLY B 301 11.97 -5.80 29.61
C GLY B 301 11.69 -5.68 28.12
N VAL B 302 11.88 -4.47 27.60
CA VAL B 302 11.73 -4.20 26.19
C VAL B 302 12.61 -5.16 25.38
N ARG B 303 11.97 -5.87 24.46
CA ARG B 303 12.66 -6.70 23.48
C ARG B 303 12.78 -5.98 22.11
N LYS B 304 14.00 -5.58 21.76
CA LYS B 304 14.31 -5.01 20.44
C LYS B 304 14.60 -6.15 19.47
N ILE B 305 14.34 -5.90 18.19
CA ILE B 305 14.52 -6.88 17.13
C ILE B 305 15.54 -6.35 16.16
N ILE B 306 16.39 -7.21 15.61
CA ILE B 306 17.40 -6.74 14.66
C ILE B 306 17.57 -7.61 13.45
N PHE B 307 17.15 -7.14 12.29
CA PHE B 307 17.45 -7.83 11.05
C PHE B 307 18.76 -7.31 10.48
N ALA B 308 19.63 -8.22 10.09
CA ALA B 308 20.78 -7.85 9.30
C ALA B 308 20.65 -8.53 7.94
N LEU B 309 20.22 -7.75 6.94
CA LEU B 309 19.98 -8.25 5.60
C LEU B 309 21.24 -8.15 4.76
N PRO B 310 21.32 -8.93 3.70
CA PRO B 310 22.48 -8.93 2.81
C PRO B 310 22.58 -7.60 2.06
N GLY B 311 23.62 -7.45 1.24
CA GLY B 311 23.83 -6.20 0.51
C GLY B 311 23.21 -6.14 -0.89
N ASN B 312 23.09 -7.28 -1.55
CA ASN B 312 22.53 -7.35 -2.90
C ASN B 312 21.14 -6.72 -2.88
N PRO B 313 21.02 -5.59 -3.56
CA PRO B 313 19.85 -4.72 -3.42
C PRO B 313 18.56 -5.42 -3.77
N VAL B 314 18.65 -6.56 -4.43
CA VAL B 314 17.49 -7.34 -4.76
C VAL B 314 17.13 -8.16 -3.54
N SER B 315 18.12 -8.86 -3.02
CA SER B 315 17.97 -9.61 -1.77
C SER B 315 17.36 -8.72 -0.67
N ALA B 316 17.95 -7.55 -0.50
CA ALA B 316 17.51 -6.60 0.50
C ALA B 316 15.99 -6.33 0.41
N VAL B 317 15.46 -6.20 -0.80
CA VAL B 317 14.03 -6.02 -0.90
C VAL B 317 13.26 -7.31 -0.57
N VAL B 318 13.67 -8.41 -1.21
CA VAL B 318 13.04 -9.71 -1.07
C VAL B 318 12.90 -10.16 0.38
N THR B 319 14.00 -10.14 1.12
CA THR B 319 14.00 -10.62 2.49
C THR B 319 13.15 -9.72 3.36
N CYS B 320 13.32 -8.43 3.18
CA CYS B 320 12.58 -7.43 3.91
C CYS B 320 11.08 -7.70 3.87
N ASN B 321 10.55 -7.92 2.67
CA ASN B 321 9.17 -8.31 2.45
C ASN B 321 8.80 -9.70 2.99
N LEU B 322 9.80 -10.55 3.20
CA LEU B 322 9.52 -11.89 3.69
C LEU B 322 9.61 -11.96 5.20
N PHE B 323 10.45 -11.11 5.78
CA PHE B 323 10.67 -11.18 7.22
C PHE B 323 10.28 -9.91 7.95
N VAL B 324 10.86 -8.77 7.55
CA VAL B 324 10.66 -7.54 8.32
C VAL B 324 9.19 -7.21 8.38
N VAL B 325 8.55 -7.18 7.20
CA VAL B 325 7.15 -6.76 7.14
C VAL B 325 6.28 -7.66 8.03
N PRO B 326 6.24 -8.97 7.78
CA PRO B 326 5.45 -9.85 8.64
C PRO B 326 5.72 -9.52 10.09
N ALA B 327 6.95 -9.20 10.45
CA ALA B 327 7.28 -8.97 11.85
C ALA B 327 6.74 -7.62 12.34
N LEU B 328 6.79 -6.63 11.46
CA LEU B 328 6.29 -5.30 11.77
C LEU B 328 4.79 -5.35 11.97
N ARG B 329 4.11 -6.10 11.13
CA ARG B 329 2.68 -6.31 11.29
C ARG B 329 2.36 -6.94 12.65
N LYS B 330 2.94 -8.12 12.92
CA LYS B 330 2.73 -8.76 14.20
C LYS B 330 2.94 -7.77 15.33
N MET B 331 3.90 -6.87 15.16
CA MET B 331 4.29 -5.92 16.19
C MET B 331 3.22 -4.87 16.48
N GLN B 332 2.51 -4.43 15.44
CA GLN B 332 1.39 -3.49 15.62
C GLN B 332 0.08 -4.20 16.08
N GLY B 333 0.20 -5.48 16.44
CA GLY B 333 -0.93 -6.24 16.93
C GLY B 333 -1.91 -6.71 15.87
N ILE B 334 -1.43 -6.83 14.64
CA ILE B 334 -2.19 -7.47 13.58
C ILE B 334 -2.34 -8.92 14.00
N LEU B 335 -3.52 -9.49 13.80
CA LEU B 335 -3.81 -10.83 14.31
C LEU B 335 -3.14 -11.90 13.49
N ASP B 336 -3.28 -11.82 12.17
CA ASP B 336 -2.66 -12.77 11.28
C ASP B 336 -1.74 -12.05 10.34
N PRO B 337 -0.48 -11.91 10.75
CA PRO B 337 0.53 -11.15 10.00
C PRO B 337 1.11 -11.89 8.79
N ARG B 338 0.77 -13.16 8.63
CA ARG B 338 1.14 -13.94 7.46
C ARG B 338 0.74 -13.18 6.20
N PRO B 339 1.62 -13.11 5.21
CA PRO B 339 1.35 -12.30 4.01
C PRO B 339 0.37 -13.00 3.07
N THR B 340 -0.47 -12.22 2.40
CA THR B 340 -1.39 -12.77 1.42
C THR B 340 -0.62 -13.48 0.28
N ILE B 341 -0.95 -14.75 0.09
CA ILE B 341 -0.37 -15.53 -0.98
C ILE B 341 -1.48 -15.94 -1.91
N ILE B 342 -1.41 -15.51 -3.16
CA ILE B 342 -2.43 -15.83 -4.14
C ILE B 342 -1.85 -16.78 -5.16
N LYS B 343 -2.73 -17.47 -5.89
CA LYS B 343 -2.31 -18.38 -6.94
C LYS B 343 -2.30 -17.61 -8.24
N ALA B 344 -1.28 -17.88 -9.08
CA ALA B 344 -1.14 -17.19 -10.36
C ALA B 344 -0.40 -18.03 -11.42
N ARG B 345 -0.77 -17.82 -12.68
CA ARG B 345 -0.17 -18.55 -13.79
C ARG B 345 1.14 -17.88 -14.17
N LEU B 346 2.17 -18.69 -14.42
CA LEU B 346 3.48 -18.18 -14.83
C LEU B 346 3.45 -17.59 -16.23
N SER B 347 4.29 -16.60 -16.46
CA SER B 347 4.27 -15.90 -17.74
C SER B 347 5.48 -16.25 -18.58
N CYS B 348 6.45 -16.92 -17.96
CA CYS B 348 7.68 -17.35 -18.62
C CYS B 348 8.19 -18.63 -17.96
N ASP B 349 8.93 -19.44 -18.72
CA ASP B 349 9.54 -20.67 -18.20
C ASP B 349 10.64 -20.35 -17.20
N VAL B 350 10.74 -21.14 -16.13
CA VAL B 350 11.73 -20.88 -15.08
C VAL B 350 12.52 -22.12 -14.66
N LYS B 351 13.84 -21.94 -14.54
CA LYS B 351 14.75 -22.99 -14.09
C LYS B 351 14.77 -23.01 -12.57
N LEU B 352 14.30 -24.10 -11.97
CA LEU B 352 14.22 -24.19 -10.52
C LEU B 352 15.59 -24.43 -9.90
N ASP B 353 15.76 -23.94 -8.68
CA ASP B 353 17.03 -24.02 -7.96
C ASP B 353 16.94 -25.02 -6.81
N PRO B 354 18.06 -25.64 -6.43
CA PRO B 354 18.12 -26.43 -5.20
C PRO B 354 17.48 -25.76 -3.97
N ARG B 355 17.61 -24.45 -3.86
CA ARG B 355 16.94 -23.72 -2.77
C ARG B 355 15.75 -22.94 -3.31
N PRO B 356 14.82 -22.57 -2.43
CA PRO B 356 13.58 -21.92 -2.85
C PRO B 356 13.82 -20.49 -3.34
N GLU B 357 13.34 -20.16 -4.53
CA GLU B 357 13.58 -18.86 -5.15
C GLU B 357 12.41 -17.90 -4.95
N TYR B 358 12.72 -16.61 -4.80
CA TYR B 358 11.70 -15.57 -4.77
C TYR B 358 12.01 -14.49 -5.76
N HIS B 359 11.10 -14.30 -6.70
CA HIS B 359 11.30 -13.37 -7.81
C HIS B 359 10.24 -12.29 -7.87
N ARG B 360 10.65 -11.03 -7.72
CA ARG B 360 9.75 -9.91 -7.94
C ARG B 360 9.04 -10.09 -9.26
N CYS B 361 7.73 -9.84 -9.28
CA CYS B 361 6.97 -9.98 -10.50
C CYS B 361 5.80 -9.03 -10.50
N ILE B 362 5.01 -9.04 -11.57
CA ILE B 362 3.90 -8.12 -11.73
C ILE B 362 2.60 -8.86 -12.05
N LEU B 363 1.68 -8.88 -11.09
CA LEU B 363 0.41 -9.58 -11.25
C LEU B 363 -0.55 -8.77 -12.10
N THR B 364 -1.18 -9.45 -13.05
CA THR B 364 -2.12 -8.82 -13.98
C THR B 364 -3.30 -9.75 -14.20
N TRP B 365 -4.49 -9.28 -13.85
CA TRP B 365 -5.73 -10.05 -14.06
C TRP B 365 -6.32 -9.67 -15.39
N HIS B 366 -6.17 -10.53 -16.39
CA HIS B 366 -6.61 -10.19 -17.74
C HIS B 366 -8.12 -10.27 -17.93
N HIS B 367 -8.66 -9.21 -18.52
CA HIS B 367 -10.09 -8.87 -18.65
C HIS B 367 -11.23 -9.93 -18.53
N GLN B 368 -10.91 -11.20 -18.26
CA GLN B 368 -11.91 -12.19 -17.80
C GLN B 368 -11.33 -13.47 -17.20
N GLU B 369 -10.19 -13.92 -17.73
CA GLU B 369 -9.55 -15.16 -17.29
C GLU B 369 -9.37 -15.18 -15.76
N PRO B 370 -9.87 -16.23 -15.12
CA PRO B 370 -10.01 -16.27 -13.66
C PRO B 370 -8.73 -16.07 -12.87
N LEU B 371 -7.60 -16.57 -13.37
CA LEU B 371 -6.32 -16.43 -12.68
C LEU B 371 -5.52 -15.26 -13.24
N PRO B 372 -4.69 -14.64 -12.40
CA PRO B 372 -3.81 -13.56 -12.89
C PRO B 372 -2.48 -14.08 -13.43
N TRP B 373 -1.96 -13.40 -14.43
CA TRP B 373 -0.64 -13.73 -14.95
C TRP B 373 0.42 -12.98 -14.16
N ALA B 374 1.54 -13.65 -13.90
CA ALA B 374 2.67 -13.05 -13.18
C ALA B 374 3.96 -13.07 -14.00
N GLN B 375 4.49 -11.90 -14.31
CA GLN B 375 5.76 -11.83 -15.04
C GLN B 375 6.87 -11.24 -14.18
N SER B 376 7.98 -11.96 -14.06
CA SER B 376 9.12 -11.48 -13.28
C SER B 376 9.59 -10.08 -13.71
N THR B 377 10.32 -9.40 -12.82
CA THR B 377 10.93 -8.10 -13.16
C THR B 377 12.43 -8.21 -13.38
N GLY B 378 13.07 -9.14 -12.66
CA GLY B 378 14.49 -9.40 -12.80
C GLY B 378 15.03 -10.45 -11.86
N ASN B 379 16.29 -10.81 -12.10
CA ASN B 379 17.02 -11.74 -11.25
C ASN B 379 17.95 -10.96 -10.31
N GLN B 380 18.88 -10.21 -10.93
CA GLN B 380 19.97 -9.53 -10.21
C GLN B 380 20.04 -8.05 -10.64
N MET B 381 21.22 -7.45 -10.45
CA MET B 381 21.60 -6.10 -10.93
C MET B 381 20.63 -4.92 -10.78
N SER B 382 19.67 -4.81 -11.70
CA SER B 382 18.69 -3.72 -11.68
C SER B 382 17.28 -4.22 -12.00
N SER B 383 17.08 -4.63 -13.25
CA SER B 383 15.85 -5.24 -13.74
C SER B 383 16.09 -5.83 -15.12
N ARG B 384 15.55 -7.04 -15.33
CA ARG B 384 15.57 -7.69 -16.64
C ARG B 384 14.49 -7.06 -17.55
N LEU B 385 13.25 -7.08 -17.09
CA LEU B 385 12.14 -6.51 -17.85
C LEU B 385 11.75 -5.11 -17.36
N MET B 386 11.49 -4.23 -18.30
CA MET B 386 11.04 -2.86 -18.01
C MET B 386 9.52 -2.80 -18.09
N SER B 387 8.93 -2.10 -17.12
CA SER B 387 7.48 -1.93 -17.07
C SER B 387 7.10 -0.60 -16.44
N MET B 388 5.83 -0.24 -16.61
CA MET B 388 5.27 0.98 -16.03
C MET B 388 4.45 0.61 -14.79
N ARG B 389 4.02 -0.64 -14.75
CA ARG B 389 3.50 -1.25 -13.54
C ARG B 389 4.72 -1.52 -12.63
N SER B 390 4.52 -1.40 -11.32
CA SER B 390 5.57 -1.67 -10.34
C SER B 390 5.36 -3.02 -9.68
N ALA B 391 6.44 -3.63 -9.19
CA ALA B 391 6.42 -4.96 -8.57
C ALA B 391 5.23 -5.20 -7.66
N ASN B 392 4.29 -6.00 -8.16
CA ASN B 392 3.03 -6.24 -7.50
C ASN B 392 3.14 -7.20 -6.33
N GLY B 393 3.54 -8.43 -6.64
CA GLY B 393 3.92 -9.42 -5.64
C GLY B 393 5.29 -9.99 -5.98
N LEU B 394 5.76 -10.92 -5.15
CA LEU B 394 6.96 -11.65 -5.48
C LEU B 394 6.66 -13.14 -5.50
N LEU B 395 7.23 -13.80 -6.49
CA LEU B 395 6.90 -15.15 -6.93
C LEU B 395 7.60 -16.22 -6.10
N MET B 396 6.83 -17.16 -5.56
CA MET B 396 7.34 -18.20 -4.66
C MET B 396 7.64 -19.52 -5.37
N LEU B 397 8.79 -19.59 -6.02
CA LEU B 397 9.23 -20.83 -6.67
C LEU B 397 9.64 -21.86 -5.62
N PRO B 398 9.32 -23.14 -5.85
CA PRO B 398 9.68 -24.21 -4.92
C PRO B 398 11.08 -24.75 -5.20
N PRO B 399 11.69 -25.46 -4.25
CA PRO B 399 12.93 -26.18 -4.50
C PRO B 399 12.76 -27.29 -5.55
N LYS B 400 13.79 -27.51 -6.38
CA LYS B 400 13.72 -28.51 -7.45
C LYS B 400 13.69 -29.93 -6.93
N THR B 401 12.76 -30.72 -7.47
CA THR B 401 12.47 -32.05 -6.99
C THR B 401 13.05 -33.12 -7.90
N GLU B 402 13.29 -34.27 -7.28
CA GLU B 402 13.68 -35.50 -7.96
C GLU B 402 12.83 -35.73 -9.21
N GLN B 403 11.63 -35.15 -9.22
CA GLN B 403 10.69 -35.26 -10.34
C GLN B 403 10.65 -33.97 -11.16
N TYR B 404 10.81 -32.84 -10.49
CA TYR B 404 10.59 -31.53 -11.10
C TYR B 404 11.87 -30.69 -11.29
N VAL B 405 12.05 -30.19 -12.50
CA VAL B 405 13.27 -29.48 -12.90
C VAL B 405 13.00 -28.02 -13.28
N GLU B 406 11.84 -27.78 -13.90
CA GLU B 406 11.46 -26.45 -14.39
C GLU B 406 9.94 -26.29 -14.49
N LEU B 407 9.48 -25.05 -14.28
CA LEU B 407 8.07 -24.73 -14.42
C LEU B 407 7.82 -23.98 -15.73
N HIS B 408 6.71 -24.33 -16.38
CA HIS B 408 6.40 -23.83 -17.72
C HIS B 408 5.29 -22.79 -17.73
N LYS B 409 5.30 -21.93 -18.75
CA LYS B 409 4.29 -20.89 -18.93
C LYS B 409 2.89 -21.50 -18.85
N GLY B 410 2.09 -21.00 -17.91
CA GLY B 410 0.73 -21.47 -17.71
C GLY B 410 0.53 -22.16 -16.38
N GLU B 411 1.58 -22.80 -15.89
CA GLU B 411 1.56 -23.51 -14.61
C GLU B 411 1.23 -22.56 -13.47
N VAL B 412 0.51 -23.07 -12.47
CA VAL B 412 -0.09 -22.21 -11.45
C VAL B 412 0.68 -22.15 -10.14
N VAL B 413 1.36 -21.03 -9.91
CA VAL B 413 2.27 -20.89 -8.77
C VAL B 413 1.80 -19.90 -7.68
N ASP B 414 2.44 -20.03 -6.52
CA ASP B 414 2.22 -19.17 -5.38
C ASP B 414 2.88 -17.83 -5.60
N VAL B 415 2.18 -16.76 -5.26
CA VAL B 415 2.73 -15.41 -5.32
C VAL B 415 2.35 -14.69 -4.05
N MET B 416 3.34 -14.33 -3.24
CA MET B 416 3.08 -13.50 -2.08
C MET B 416 2.91 -12.10 -2.59
N VAL B 417 1.91 -11.40 -2.07
CA VAL B 417 1.59 -10.04 -2.49
C VAL B 417 2.49 -9.05 -1.71
N ILE B 418 2.96 -8.00 -2.38
CA ILE B 418 3.81 -7.01 -1.71
C ILE B 418 3.51 -5.54 -2.00
N GLY B 419 2.34 -5.26 -2.54
CA GLY B 419 1.95 -3.88 -2.77
C GLY B 419 0.50 -3.80 -3.21
N ARG B 420 -0.07 -2.60 -3.19
CA ARG B 420 -1.46 -2.42 -3.60
C ARG B 420 -1.72 -3.11 -4.94
N LEU B 421 -2.22 -4.36 -4.87
CA LEU B 421 -2.37 -5.22 -6.03
C LEU B 421 -3.46 -4.74 -7.01
N ASN C 2 1.75 -27.36 -10.56
CA ASN C 2 3.14 -27.07 -10.10
C ASN C 2 3.33 -27.27 -8.61
N ALA C 3 4.55 -27.59 -8.21
CA ALA C 3 4.88 -27.75 -6.79
C ALA C 3 4.71 -26.42 -6.07
N ALA C 4 4.16 -26.47 -4.86
CA ALA C 4 3.82 -25.26 -4.12
C ALA C 4 5.02 -24.47 -3.59
N LYS C 5 5.32 -24.62 -2.29
CA LYS C 5 6.37 -23.85 -1.62
C LYS C 5 5.89 -22.47 -1.22
N LYS C 6 5.99 -22.15 0.08
CA LYS C 6 5.54 -20.85 0.59
C LYS C 6 5.88 -20.52 2.03
#